data_7YZT
#
_entry.id   7YZT
#
_cell.length_a   88.140
_cell.length_b   88.140
_cell.length_c   231.569
_cell.angle_alpha   90.000
_cell.angle_beta   90.000
_cell.angle_gamma   120.000
#
_symmetry.space_group_name_H-M   'P 32 2 1'
#
loop_
_entity.id
_entity.type
_entity.pdbx_description
1 polymer 'Dyp-type peroxidase family protein'
2 non-polymer 'PROTOPORPHYRIN IX CONTAINING FE'
3 water water
#
_entity_poly.entity_id   1
_entity_poly.type   'polypeptide(L)'
_entity_poly.pdbx_seq_one_letter_code
;MGTAQSVILPLPSDHARFISLRLKDLSVAELKKHIALLHSTRDRLITQHPAAQIKAAVAFGPEIWLQLYKEMPSGFKQLA
PQQGTFQMPVVPADVFIHIASARADICFALSQAFFEGIKDKVEVLDERVCFRYFDGRDITGFIDGTENPQFNDDRAEVAL
LPEDSGVFADGSFIFAQRYAHDLEKWKRLKVDTQEQIMGRTKLESIELDNEVKPENAHIARTVVEDENGEEMEILRHSLP
YGDGKGDQGLFFIAYTKDLNIIDLMLNRMFGTSGDGIHDRLLHFVTPLDGAYYFAPSAELLEVILESLEHHHHHH
;
_entity_poly.pdbx_strand_id   A,B,C
#
loop_
_chem_comp.id
_chem_comp.type
_chem_comp.name
_chem_comp.formula
HEM non-polymer 'PROTOPORPHYRIN IX CONTAINING FE' 'C34 H32 Fe N4 O4'
#
# COMPACT_ATOMS: atom_id res chain seq x y z
CA GLY A 2 0.96 19.75 33.55
C GLY A 2 1.36 19.37 32.13
N THR A 3 1.69 18.09 31.93
CA THR A 3 2.07 17.57 30.62
C THR A 3 1.13 16.42 30.27
N ALA A 4 0.42 16.54 29.15
CA ALA A 4 -0.38 15.42 28.67
C ALA A 4 0.52 14.25 28.35
N GLN A 5 0.01 13.03 28.52
CA GLN A 5 0.78 11.89 28.05
C GLN A 5 1.02 12.03 26.56
N SER A 6 2.14 11.44 26.09
CA SER A 6 2.79 11.86 24.85
C SER A 6 1.99 11.57 23.59
N VAL A 7 1.09 10.59 23.60
CA VAL A 7 0.38 10.25 22.36
C VAL A 7 -0.82 11.16 22.10
N ILE A 8 -1.30 11.90 23.11
CA ILE A 8 -2.60 12.54 22.99
C ILE A 8 -2.58 13.66 21.95
N LEU A 9 -1.66 14.61 22.11
CA LEU A 9 -1.73 15.86 21.34
C LEU A 9 -1.16 15.79 19.92
N PRO A 10 -0.06 15.06 19.65
CA PRO A 10 0.44 15.04 18.27
C PRO A 10 -0.56 14.41 17.29
N LEU A 11 -0.40 14.78 16.02
CA LEU A 11 -1.22 14.17 14.99
C LEU A 11 -0.90 12.68 14.89
N PRO A 12 -1.82 11.87 14.36
CA PRO A 12 -1.64 10.42 14.39
C PRO A 12 -0.45 9.94 13.59
N SER A 13 0.20 8.90 14.10
CA SER A 13 1.29 8.19 13.44
C SER A 13 0.72 7.03 12.61
N ASP A 14 1.60 6.35 11.87
CA ASP A 14 1.15 5.32 10.94
C ASP A 14 0.83 3.98 11.59
N HIS A 15 1.35 3.69 12.79
CA HIS A 15 1.16 2.39 13.43
C HIS A 15 0.77 2.57 14.90
N ALA A 16 -0.04 1.66 15.40
CA ALA A 16 -0.46 1.67 16.80
C ALA A 16 -0.67 0.25 17.31
N ARG A 17 -0.67 0.13 18.63
CA ARG A 17 -1.19 -1.03 19.35
C ARG A 17 -2.09 -0.52 20.47
N PHE A 18 -3.27 -1.11 20.59
CA PHE A 18 -4.24 -0.71 21.61
C PHE A 18 -4.48 -1.90 22.52
N ILE A 19 -4.13 -1.77 23.79
CA ILE A 19 -4.17 -2.87 24.74
C ILE A 19 -5.20 -2.58 25.81
N SER A 20 -6.09 -3.54 26.06
CA SER A 20 -6.98 -3.50 27.21
C SER A 20 -6.81 -4.79 28.02
N LEU A 21 -6.75 -4.64 29.34
CA LEU A 21 -6.50 -5.80 30.19
C LEU A 21 -7.18 -5.64 31.55
N ARG A 22 -7.36 -6.78 32.20
CA ARG A 22 -7.75 -6.85 33.60
C ARG A 22 -6.58 -7.42 34.38
N LEU A 23 -6.43 -6.97 35.64
CA LEU A 23 -5.22 -7.33 36.37
C LEU A 23 -5.14 -8.80 36.70
N LYS A 24 -6.28 -9.45 36.95
CA LYS A 24 -6.35 -10.84 37.38
C LYS A 24 -5.40 -11.10 38.54
N ASP A 25 -4.26 -11.75 38.32
CA ASP A 25 -3.33 -12.07 39.39
C ASP A 25 -2.20 -11.07 39.56
N LEU A 26 -2.13 -10.03 38.73
CA LEU A 26 -1.08 -9.04 38.84
C LEU A 26 -1.35 -8.11 40.01
N SER A 27 -0.33 -7.86 40.83
CA SER A 27 -0.48 -6.96 41.95
C SER A 27 -0.34 -5.52 41.48
N VAL A 28 -0.85 -4.59 42.31
CA VAL A 28 -0.72 -3.17 42.01
C VAL A 28 0.76 -2.80 41.90
N ALA A 29 1.57 -3.30 42.83
CA ALA A 29 3.01 -3.07 42.78
C ALA A 29 3.62 -3.59 41.48
N GLU A 30 3.21 -4.79 41.06
CA GLU A 30 3.75 -5.33 39.80
C GLU A 30 3.31 -4.49 38.61
N LEU A 31 2.06 -3.99 38.65
CA LEU A 31 1.59 -3.12 37.58
C LEU A 31 2.48 -1.89 37.44
N LYS A 32 2.81 -1.24 38.56
CA LYS A 32 3.67 -0.06 38.49
C LYS A 32 5.04 -0.42 37.94
N LYS A 33 5.59 -1.56 38.36
CA LYS A 33 6.86 -2.02 37.80
C LYS A 33 6.80 -2.13 36.29
N HIS A 34 5.71 -2.67 35.78
CA HIS A 34 5.70 -2.93 34.35
C HIS A 34 5.33 -1.70 33.55
N ILE A 35 4.56 -0.78 34.12
CA ILE A 35 4.43 0.52 33.47
C ILE A 35 5.79 1.20 33.40
N ALA A 36 6.55 1.12 34.50
CA ALA A 36 7.90 1.68 34.49
C ALA A 36 8.79 1.02 33.44
N LEU A 37 8.66 -0.30 33.26
CA LEU A 37 9.44 -0.95 32.20
C LEU A 37 9.03 -0.46 30.83
N LEU A 38 7.73 -0.27 30.61
CA LEU A 38 7.26 0.35 29.37
C LEU A 38 7.90 1.72 29.18
N HIS A 39 7.88 2.55 30.23
CA HIS A 39 8.45 3.89 30.13
C HIS A 39 9.95 3.84 29.86
N SER A 40 10.66 2.92 30.51
CA SER A 40 12.10 2.81 30.30
C SER A 40 12.43 2.50 28.84
N THR A 41 11.72 1.54 28.24
CA THR A 41 11.95 1.19 26.85
C THR A 41 11.55 2.32 25.91
N ARG A 42 10.42 2.97 26.19
CA ARG A 42 10.02 4.17 25.45
C ARG A 42 11.13 5.23 25.48
N ASP A 43 11.61 5.55 26.69
CA ASP A 43 12.64 6.58 26.82
C ASP A 43 13.90 6.21 26.06
N ARG A 44 14.32 4.95 26.19
CA ARG A 44 15.54 4.49 25.55
C ARG A 44 15.42 4.53 24.04
N LEU A 45 14.25 4.16 23.50
CA LEU A 45 14.07 4.17 22.06
C LEU A 45 13.93 5.59 21.52
N ILE A 46 13.33 6.50 22.30
CA ILE A 46 13.25 7.89 21.85
C ILE A 46 14.64 8.46 21.62
N THR A 47 15.58 8.16 22.52
CA THR A 47 16.94 8.66 22.38
C THR A 47 17.59 8.13 21.11
N GLN A 48 17.31 6.88 20.76
CA GLN A 48 17.91 6.29 19.57
C GLN A 48 17.16 6.65 18.29
N HIS A 49 15.86 6.96 18.38
CA HIS A 49 15.05 7.25 17.19
C HIS A 49 14.18 8.48 17.44
N PRO A 50 14.78 9.66 17.62
CA PRO A 50 13.98 10.84 17.98
C PRO A 50 12.99 11.26 16.90
N ALA A 51 13.12 10.75 15.68
CA ALA A 51 12.17 11.06 14.61
C ALA A 51 11.10 10.00 14.42
N ALA A 52 11.06 8.94 15.23
CA ALA A 52 10.14 7.83 15.04
C ALA A 52 8.81 8.03 15.77
N GLN A 53 8.54 9.23 16.28
CA GLN A 53 7.22 9.58 16.81
C GLN A 53 6.76 8.58 17.87
N ILE A 54 7.67 8.24 18.79
CA ILE A 54 7.39 7.22 19.79
C ILE A 54 6.55 7.84 20.90
N LYS A 55 5.33 7.33 21.08
CA LYS A 55 4.32 7.93 21.94
C LYS A 55 3.51 6.84 22.61
N ALA A 56 2.92 7.20 23.75
CA ALA A 56 2.08 6.26 24.49
C ALA A 56 1.16 7.01 25.45
N ALA A 57 0.09 6.34 25.84
CA ALA A 57 -0.70 6.73 26.99
C ALA A 57 -1.07 5.50 27.76
N VAL A 58 -0.97 5.57 29.08
CA VAL A 58 -1.42 4.54 29.99
C VAL A 58 -2.60 5.10 30.78
N ALA A 59 -3.70 4.36 30.84
CA ALA A 59 -4.92 4.84 31.47
C ALA A 59 -5.53 3.71 32.29
N PHE A 60 -6.44 4.08 33.19
CA PHE A 60 -6.94 3.17 34.22
C PHE A 60 -8.45 3.21 34.29
N GLY A 61 -9.06 2.04 34.51
CA GLY A 61 -10.48 1.94 34.71
C GLY A 61 -10.92 2.52 36.04
N PRO A 62 -12.22 2.82 36.15
CA PRO A 62 -12.71 3.45 37.39
C PRO A 62 -12.64 2.53 38.58
N GLU A 63 -12.81 1.22 38.35
CA GLU A 63 -12.75 0.25 39.43
C GLU A 63 -11.36 0.20 40.07
N ILE A 64 -10.30 0.24 39.26
CA ILE A 64 -8.94 0.17 39.80
C ILE A 64 -8.36 1.51 40.21
N TRP A 65 -8.90 2.63 39.70
CA TRP A 65 -8.23 3.91 39.89
C TRP A 65 -8.04 4.24 41.35
N LEU A 66 -9.05 4.00 42.19
CA LEU A 66 -8.94 4.35 43.61
C LEU A 66 -7.97 3.46 44.37
N GLN A 67 -7.57 2.31 43.82
CA GLN A 67 -6.46 1.56 44.39
C GLN A 67 -5.10 2.18 44.07
N LEU A 68 -5.05 3.06 43.08
CA LEU A 68 -3.81 3.69 42.67
C LEU A 68 -3.66 5.11 43.18
N TYR A 69 -4.78 5.80 43.40
CA TYR A 69 -4.72 7.19 43.82
C TYR A 69 -5.89 7.47 44.75
N LYS A 70 -5.69 8.43 45.63
CA LYS A 70 -6.61 8.65 46.75
C LYS A 70 -7.90 9.35 46.35
N GLU A 71 -8.05 9.77 45.10
CA GLU A 71 -9.13 10.67 44.70
C GLU A 71 -9.54 10.40 43.27
N MET A 72 -10.87 10.37 43.01
CA MET A 72 -11.36 10.23 41.64
C MET A 72 -11.46 11.59 40.95
N PRO A 73 -11.01 11.72 39.70
CA PRO A 73 -11.30 12.94 38.95
C PRO A 73 -12.79 13.09 38.78
N SER A 74 -13.27 14.33 38.83
CA SER A 74 -14.70 14.56 38.92
C SER A 74 -15.40 14.06 37.65
N GLY A 75 -16.45 13.26 37.83
CA GLY A 75 -17.22 12.76 36.72
C GLY A 75 -16.73 11.45 36.16
N PHE A 76 -15.62 10.92 36.66
CA PHE A 76 -15.12 9.63 36.19
C PHE A 76 -16.07 8.52 36.59
N LYS A 77 -16.33 7.62 35.66
CA LYS A 77 -17.36 6.59 35.82
C LYS A 77 -17.14 5.58 34.71
N GLN A 78 -17.81 4.44 34.82
CA GLN A 78 -17.73 3.42 33.77
C GLN A 78 -18.71 3.75 32.64
N LEU A 79 -18.35 3.33 31.43
CA LEU A 79 -19.28 3.34 30.31
C LEU A 79 -20.60 2.68 30.68
N ALA A 80 -21.73 3.28 30.23
CA ALA A 80 -23.01 2.63 30.44
C ALA A 80 -23.45 1.89 29.18
N PRO A 81 -24.17 0.79 29.31
CA PRO A 81 -24.61 0.04 28.12
C PRO A 81 -25.72 0.74 27.37
N GLN A 82 -25.86 0.37 26.10
CA GLN A 82 -26.95 0.85 25.26
C GLN A 82 -27.91 -0.29 24.96
N GLN A 83 -29.20 -0.05 25.20
CA GLN A 83 -30.26 -0.90 24.69
C GLN A 83 -31.16 -0.01 23.84
N GLY A 84 -30.73 0.24 22.60
CA GLY A 84 -31.51 1.09 21.72
C GLY A 84 -32.00 0.34 20.51
N THR A 85 -32.01 1.00 19.34
CA THR A 85 -32.18 0.27 18.09
C THR A 85 -31.13 -0.83 17.98
N PHE A 86 -29.90 -0.53 18.37
CA PHE A 86 -28.83 -1.52 18.44
C PHE A 86 -28.37 -1.64 19.89
N GLN A 87 -27.73 -2.76 20.19
CA GLN A 87 -27.20 -3.02 21.53
C GLN A 87 -25.74 -2.62 21.59
N MET A 88 -25.30 -2.21 22.79
CA MET A 88 -23.90 -1.92 23.07
C MET A 88 -23.53 -2.48 24.43
N PRO A 89 -22.89 -3.65 24.48
CA PRO A 89 -22.36 -4.14 25.75
C PRO A 89 -21.22 -3.24 26.23
N VAL A 90 -20.96 -3.32 27.54
CA VAL A 90 -19.78 -2.70 28.14
C VAL A 90 -18.82 -3.80 28.56
N VAL A 91 -17.54 -3.62 28.27
CA VAL A 91 -16.52 -4.60 28.64
C VAL A 91 -15.48 -3.87 29.49
N PRO A 92 -15.69 -3.82 30.80
CA PRO A 92 -14.77 -3.05 31.66
C PRO A 92 -13.38 -3.64 31.64
N ALA A 93 -12.38 -2.77 31.78
CA ALA A 93 -10.99 -3.18 31.84
C ALA A 93 -10.26 -2.31 32.85
N ASP A 94 -9.21 -2.88 33.45
CA ASP A 94 -8.47 -2.13 34.49
C ASP A 94 -7.41 -1.22 33.90
N VAL A 95 -6.79 -1.60 32.79
CA VAL A 95 -5.67 -0.85 32.23
C VAL A 95 -5.87 -0.78 30.73
N PHE A 96 -5.70 0.42 30.17
CA PHE A 96 -5.65 0.64 28.73
C PHE A 96 -4.30 1.23 28.37
N ILE A 97 -3.70 0.72 27.30
CA ILE A 97 -2.44 1.26 26.80
C ILE A 97 -2.59 1.60 25.32
N HIS A 98 -2.34 2.85 24.98
CA HIS A 98 -2.30 3.33 23.60
C HIS A 98 -0.83 3.49 23.24
N ILE A 99 -0.34 2.72 22.28
CA ILE A 99 1.03 2.78 21.81
C ILE A 99 1.01 3.24 20.36
N ALA A 100 1.86 4.20 20.01
CA ALA A 100 1.91 4.67 18.63
C ALA A 100 3.33 5.03 18.25
N SER A 101 3.61 4.95 16.96
CA SER A 101 4.92 5.25 16.40
C SER A 101 4.83 5.27 14.88
N ALA A 102 5.82 5.90 14.27
CA ALA A 102 5.96 5.79 12.81
C ALA A 102 6.39 4.39 12.37
N ARG A 103 6.73 3.51 13.32
CA ARG A 103 7.28 2.19 12.99
C ARG A 103 6.55 1.09 13.74
N ALA A 104 6.19 0.03 13.01
CA ALA A 104 5.53 -1.10 13.65
C ALA A 104 6.44 -1.83 14.63
N ASP A 105 7.75 -1.92 14.35
CA ASP A 105 8.61 -2.66 15.26
C ASP A 105 8.73 -1.97 16.61
N ILE A 106 8.73 -0.63 16.62
CA ILE A 106 8.76 0.11 17.89
C ILE A 106 7.50 -0.14 18.68
N CYS A 107 6.34 -0.15 18.00
CA CYS A 107 5.07 -0.43 18.69
C CYS A 107 5.13 -1.79 19.37
N PHE A 108 5.60 -2.81 18.64
CA PHE A 108 5.80 -4.13 19.25
C PHE A 108 6.76 -4.06 20.42
N ALA A 109 7.88 -3.35 20.25
CA ALA A 109 8.90 -3.29 21.31
C ALA A 109 8.31 -2.76 22.62
N LEU A 110 7.45 -1.74 22.55
CA LEU A 110 6.88 -1.18 23.77
C LEU A 110 5.90 -2.15 24.42
N SER A 111 5.06 -2.82 23.62
CA SER A 111 4.18 -3.85 24.14
C SER A 111 4.98 -5.01 24.75
N GLN A 112 6.01 -5.47 24.03
CA GLN A 112 6.87 -6.53 24.55
C GLN A 112 7.43 -6.17 25.92
N ALA A 113 7.92 -4.94 26.07
CA ALA A 113 8.54 -4.53 27.33
C ALA A 113 7.53 -4.56 28.47
N PHE A 114 6.30 -4.12 28.23
CA PHE A 114 5.30 -4.12 29.30
C PHE A 114 4.99 -5.54 29.75
N PHE A 115 4.80 -6.44 28.79
CA PHE A 115 4.29 -7.78 29.07
C PHE A 115 5.36 -8.77 29.50
N GLU A 116 6.64 -8.43 29.37
CA GLU A 116 7.71 -9.39 29.64
C GLU A 116 7.58 -9.97 31.05
N GLY A 117 7.30 -11.26 31.14
CA GLY A 117 7.21 -11.95 32.41
C GLY A 117 5.87 -11.89 33.11
N ILE A 118 4.83 -11.36 32.47
CA ILE A 118 3.54 -11.27 33.15
C ILE A 118 2.40 -11.72 32.25
N LYS A 119 2.74 -12.36 31.13
CA LYS A 119 1.71 -12.74 30.15
C LYS A 119 0.62 -13.60 30.76
N ASP A 120 0.99 -14.55 31.62
CA ASP A 120 0.00 -15.40 32.26
C ASP A 120 -0.53 -14.83 33.57
N LYS A 121 -0.03 -13.68 34.01
CA LYS A 121 -0.57 -13.06 35.22
C LYS A 121 -1.76 -12.16 34.96
N VAL A 122 -1.87 -11.55 33.78
CA VAL A 122 -2.97 -10.65 33.47
C VAL A 122 -3.98 -11.39 32.59
N GLU A 123 -5.17 -10.82 32.48
CA GLU A 123 -6.18 -11.25 31.52
C GLU A 123 -6.26 -10.18 30.43
N VAL A 124 -5.57 -10.42 29.32
CA VAL A 124 -5.61 -9.47 28.22
C VAL A 124 -6.92 -9.62 27.46
N LEU A 125 -7.73 -8.55 27.42
CA LEU A 125 -8.95 -8.58 26.62
C LEU A 125 -8.65 -8.41 25.13
N ASP A 126 -7.78 -7.46 24.78
CA ASP A 126 -7.36 -7.31 23.40
C ASP A 126 -6.02 -6.59 23.33
N GLU A 127 -5.22 -6.95 22.33
CA GLU A 127 -4.05 -6.20 21.92
C GLU A 127 -4.21 -6.03 20.41
N ARG A 128 -4.76 -4.90 19.98
CA ARG A 128 -5.14 -4.72 18.57
C ARG A 128 -4.03 -3.98 17.83
N VAL A 129 -3.54 -4.59 16.78
CA VAL A 129 -2.58 -3.94 15.89
C VAL A 129 -3.36 -3.13 14.87
N CYS A 130 -3.00 -1.85 14.73
CA CYS A 130 -3.71 -0.93 13.86
C CYS A 130 -2.73 -0.20 12.97
N PHE A 131 -3.25 0.32 11.86
CA PHE A 131 -2.41 0.94 10.84
C PHE A 131 -3.23 2.00 10.12
N ARG A 132 -2.56 3.10 9.76
CA ARG A 132 -3.19 4.08 8.87
C ARG A 132 -3.50 3.40 7.54
N TYR A 133 -4.70 3.67 7.03
CA TYR A 133 -5.24 2.97 5.87
C TYR A 133 -5.38 3.96 4.72
N PHE A 134 -4.49 3.85 3.74
CA PHE A 134 -4.37 4.78 2.61
C PHE A 134 -4.38 6.20 3.17
N ASP A 135 -5.11 7.15 2.58
CA ASP A 135 -4.99 8.54 2.98
C ASP A 135 -5.92 8.84 4.16
N GLY A 136 -5.62 8.20 5.29
CA GLY A 136 -6.39 8.38 6.52
C GLY A 136 -7.84 7.91 6.47
N ARG A 137 -8.12 6.84 5.74
CA ARG A 137 -9.48 6.39 5.56
C ARG A 137 -9.84 5.26 6.52
N ASP A 138 -11.14 5.14 6.79
CA ASP A 138 -11.73 3.94 7.34
C ASP A 138 -11.92 2.94 6.20
N ILE A 139 -12.02 1.65 6.53
CA ILE A 139 -12.12 0.65 5.47
C ILE A 139 -13.42 0.73 4.71
N THR A 140 -14.39 1.53 5.17
CA THR A 140 -15.53 1.87 4.34
C THR A 140 -15.12 2.65 3.10
N GLY A 141 -13.92 3.24 3.11
CA GLY A 141 -13.47 4.11 2.05
C GLY A 141 -13.61 5.60 2.35
N PHE A 142 -14.24 5.96 3.47
CA PHE A 142 -14.44 7.35 3.84
C PHE A 142 -13.29 7.83 4.72
N ILE A 143 -12.86 9.07 4.49
CA ILE A 143 -11.83 9.68 5.33
C ILE A 143 -12.37 9.82 6.74
N ASP A 144 -11.57 9.43 7.73
CA ASP A 144 -11.93 9.55 9.14
C ASP A 144 -10.97 10.57 9.76
N GLY A 145 -11.52 11.67 10.28
CA GLY A 145 -10.72 12.67 10.97
C GLY A 145 -11.00 14.10 10.59
N THR A 146 -11.80 14.32 9.54
CA THR A 146 -11.94 15.66 8.94
C THR A 146 -12.29 16.74 9.97
N GLU A 147 -13.25 16.47 10.86
CA GLU A 147 -13.69 17.51 11.80
C GLU A 147 -13.03 17.39 13.17
N ASN A 148 -12.07 16.48 13.32
CA ASN A 148 -11.24 16.43 14.52
C ASN A 148 -10.52 17.77 14.74
N PRO A 149 -10.35 18.22 15.98
CA PRO A 149 -9.46 19.36 16.23
C PRO A 149 -8.08 19.11 15.62
N GLN A 150 -7.47 20.18 15.08
CA GLN A 150 -6.27 20.04 14.26
C GLN A 150 -5.09 20.83 14.82
N PHE A 151 -5.29 22.11 15.16
CA PHE A 151 -4.22 22.87 15.81
C PHE A 151 -3.91 22.26 17.18
N ASN A 152 -2.64 22.29 17.56
CA ASN A 152 -2.21 21.76 18.85
C ASN A 152 -3.03 22.34 20.01
N ASP A 153 -3.26 23.66 20.00
CA ASP A 153 -3.96 24.29 21.11
C ASP A 153 -5.44 23.89 21.17
N ASP A 154 -6.08 23.74 20.01
CA ASP A 154 -7.45 23.22 19.98
C ASP A 154 -7.52 21.80 20.50
N ARG A 155 -6.58 20.95 20.06
CA ARG A 155 -6.57 19.57 20.53
C ARG A 155 -6.42 19.50 22.04
N ALA A 156 -5.56 20.38 22.58
CA ALA A 156 -5.38 20.43 24.03
C ALA A 156 -6.65 20.91 24.74
N GLU A 157 -7.33 21.90 24.17
CA GLU A 157 -8.50 22.43 24.87
C GLU A 157 -9.62 21.40 24.89
N VAL A 158 -9.73 20.61 23.82
CA VAL A 158 -10.80 19.61 23.71
C VAL A 158 -10.52 18.39 24.60
N ALA A 159 -9.27 17.92 24.64
CA ALA A 159 -8.96 16.63 25.26
C ALA A 159 -8.62 16.70 26.75
N LEU A 160 -8.02 17.80 27.22
CA LEU A 160 -7.34 17.81 28.51
C LEU A 160 -8.16 18.49 29.61
N LEU A 161 -8.09 17.92 30.81
CA LEU A 161 -8.70 18.58 31.96
C LEU A 161 -7.97 19.90 32.21
N PRO A 162 -8.69 20.96 32.53
CA PRO A 162 -8.10 22.30 32.67
C PRO A 162 -7.36 22.46 34.00
N GLU A 163 -6.72 23.62 34.13
CA GLU A 163 -5.86 23.91 35.28
C GLU A 163 -6.62 23.80 36.60
N ASP A 164 -7.91 24.13 36.62
CA ASP A 164 -8.67 24.09 37.87
C ASP A 164 -9.07 22.68 38.28
N SER A 165 -8.65 21.66 37.54
CA SER A 165 -8.82 20.27 37.97
C SER A 165 -7.73 19.83 38.93
N GLY A 166 -6.82 20.73 39.31
CA GLY A 166 -5.83 20.40 40.32
C GLY A 166 -4.85 19.37 39.81
N VAL A 167 -4.66 18.30 40.59
CA VAL A 167 -3.74 17.25 40.21
C VAL A 167 -4.18 16.55 38.93
N PHE A 168 -5.47 16.60 38.60
CA PHE A 168 -5.98 15.96 37.40
C PHE A 168 -5.82 16.81 36.15
N ALA A 169 -5.39 18.07 36.29
CA ALA A 169 -5.14 18.91 35.14
C ALA A 169 -4.21 18.21 34.16
N ASP A 170 -4.49 18.38 32.87
CA ASP A 170 -3.77 17.76 31.77
C ASP A 170 -3.90 16.23 31.73
N GLY A 171 -4.77 15.66 32.57
CA GLY A 171 -5.25 14.32 32.35
C GLY A 171 -6.32 14.31 31.27
N SER A 172 -6.77 13.12 30.88
CA SER A 172 -7.78 13.01 29.83
C SER A 172 -8.58 11.73 30.05
N PHE A 173 -9.87 11.76 29.73
CA PHE A 173 -10.69 10.56 29.76
C PHE A 173 -10.64 9.88 28.40
N ILE A 174 -10.52 8.55 28.41
CA ILE A 174 -10.46 7.73 27.21
C ILE A 174 -11.73 6.91 27.10
N PHE A 175 -12.32 6.92 25.91
CA PHE A 175 -13.32 5.94 25.50
C PHE A 175 -12.70 5.14 24.37
N ALA A 176 -12.63 3.82 24.54
CA ALA A 176 -12.02 2.93 23.54
C ALA A 176 -13.01 1.82 23.20
N GLN A 177 -13.21 1.56 21.91
CA GLN A 177 -14.21 0.60 21.50
C GLN A 177 -13.90 0.07 20.11
N ARG A 178 -13.72 -1.25 19.98
CA ARG A 178 -13.41 -1.86 18.68
C ARG A 178 -14.70 -2.15 17.91
N TYR A 179 -14.70 -1.85 16.62
CA TYR A 179 -15.81 -2.13 15.73
C TYR A 179 -15.38 -3.10 14.64
N ALA A 180 -16.26 -4.04 14.29
CA ALA A 180 -16.11 -4.87 13.10
C ALA A 180 -17.13 -4.44 12.05
N HIS A 181 -16.66 -4.31 10.81
CA HIS A 181 -17.51 -3.87 9.70
C HIS A 181 -18.04 -5.06 8.91
N ASP A 182 -19.23 -4.87 8.35
CA ASP A 182 -19.79 -5.81 7.37
C ASP A 182 -19.60 -5.15 6.00
N LEU A 183 -18.42 -5.37 5.42
CA LEU A 183 -18.10 -4.69 4.16
C LEU A 183 -18.88 -5.28 2.99
N GLU A 184 -19.27 -6.55 3.08
CA GLU A 184 -20.05 -7.11 1.98
C GLU A 184 -21.40 -6.43 1.87
N LYS A 185 -22.04 -6.15 3.01
CA LYS A 185 -23.29 -5.39 3.03
C LYS A 185 -23.06 -3.94 2.61
N TRP A 186 -21.96 -3.34 3.07
CA TRP A 186 -21.64 -1.95 2.74
C TRP A 186 -21.41 -1.77 1.25
N LYS A 187 -20.68 -2.70 0.63
CA LYS A 187 -20.28 -2.55 -0.75
C LYS A 187 -21.42 -2.75 -1.74
N ARG A 188 -22.55 -3.34 -1.31
CA ARG A 188 -23.73 -3.42 -2.18
C ARG A 188 -24.46 -2.08 -2.35
N LEU A 189 -24.09 -1.05 -1.59
CA LEU A 189 -24.76 0.24 -1.70
C LEU A 189 -24.17 1.07 -2.84
N LYS A 190 -25.00 1.93 -3.42
CA LYS A 190 -24.47 2.97 -4.30
C LYS A 190 -23.67 3.98 -3.47
N VAL A 191 -22.68 4.61 -4.11
CA VAL A 191 -21.85 5.56 -3.35
C VAL A 191 -22.70 6.71 -2.82
N ASP A 192 -23.70 7.16 -3.60
CA ASP A 192 -24.53 8.27 -3.12
C ASP A 192 -25.27 7.89 -1.83
N THR A 193 -25.64 6.61 -1.69
CA THR A 193 -26.29 6.15 -0.47
C THR A 193 -25.31 6.10 0.68
N GLN A 194 -24.10 5.59 0.43
CA GLN A 194 -23.05 5.65 1.46
C GLN A 194 -22.84 7.08 1.94
N GLU A 195 -22.85 8.05 1.01
CA GLU A 195 -22.65 9.45 1.41
C GLU A 195 -23.84 9.96 2.24
N GLN A 196 -25.07 9.54 1.91
CA GLN A 196 -26.22 9.79 2.78
C GLN A 196 -26.02 9.23 4.19
N ILE A 197 -25.42 8.04 4.29
CA ILE A 197 -25.26 7.37 5.58
C ILE A 197 -24.22 8.10 6.42
N MET A 198 -23.12 8.52 5.78
CA MET A 198 -22.03 9.19 6.49
C MET A 198 -22.33 10.66 6.74
N GLY A 199 -22.90 11.35 5.74
CA GLY A 199 -23.07 12.79 5.81
C GLY A 199 -21.96 13.61 5.18
N ARG A 200 -20.94 12.98 4.60
CA ARG A 200 -19.88 13.64 3.85
C ARG A 200 -19.69 12.89 2.53
N THR A 201 -19.01 13.54 1.57
CA THR A 201 -18.73 12.83 0.32
C THR A 201 -17.60 11.83 0.52
N LYS A 202 -17.59 10.78 -0.32
CA LYS A 202 -16.66 9.68 -0.10
C LYS A 202 -15.23 10.04 -0.49
N LEU A 203 -15.04 10.60 -1.69
CA LEU A 203 -13.68 10.87 -2.15
C LEU A 203 -13.03 12.00 -1.34
N GLU A 204 -13.74 13.11 -1.16
CA GLU A 204 -13.14 14.33 -0.64
C GLU A 204 -13.48 14.64 0.81
N SER A 205 -14.46 13.96 1.42
CA SER A 205 -14.95 14.28 2.75
C SER A 205 -15.47 15.71 2.82
N ILE A 206 -16.19 16.14 1.79
CA ILE A 206 -16.89 17.42 1.84
C ILE A 206 -18.23 17.21 2.55
N GLU A 207 -18.55 18.10 3.49
CA GLU A 207 -19.81 17.92 4.21
C GLU A 207 -21.01 18.05 3.29
N LEU A 208 -22.00 17.17 3.45
CA LEU A 208 -23.24 17.31 2.70
C LEU A 208 -24.02 18.55 3.16
N ASP A 209 -24.66 19.24 2.21
CA ASP A 209 -25.51 20.38 2.56
C ASP A 209 -26.64 19.94 3.48
N ASN A 210 -27.10 20.87 4.34
CA ASN A 210 -28.14 20.53 5.32
C ASN A 210 -29.38 19.95 4.65
N GLU A 211 -29.74 20.46 3.47
CA GLU A 211 -30.94 20.01 2.81
C GLU A 211 -30.82 18.59 2.26
N VAL A 212 -29.60 18.10 2.03
CA VAL A 212 -29.40 16.76 1.49
C VAL A 212 -28.95 15.76 2.56
N LYS A 213 -28.44 16.22 3.70
CA LYS A 213 -28.02 15.33 4.77
C LYS A 213 -29.22 14.83 5.56
N PRO A 214 -29.45 13.54 5.65
CA PRO A 214 -30.59 13.04 6.41
C PRO A 214 -30.33 13.10 7.91
N GLU A 215 -31.42 12.97 8.68
CA GLU A 215 -31.33 13.10 10.13
C GLU A 215 -30.52 11.97 10.76
N ASN A 216 -30.49 10.81 10.10
CA ASN A 216 -29.86 9.61 10.63
C ASN A 216 -28.47 9.38 10.06
N ALA A 217 -27.90 10.39 9.40
CA ALA A 217 -26.52 10.31 8.96
C ALA A 217 -25.57 10.29 10.17
N HIS A 218 -24.44 9.61 10.00
CA HIS A 218 -23.50 9.44 11.11
C HIS A 218 -23.11 10.78 11.73
N ILE A 219 -22.71 11.75 10.91
CA ILE A 219 -22.26 12.99 11.53
C ILE A 219 -23.41 13.91 11.94
N ALA A 220 -24.64 13.61 11.53
CA ALA A 220 -25.78 14.27 12.17
C ALA A 220 -25.94 13.79 13.61
N ARG A 221 -25.67 12.51 13.85
CA ARG A 221 -25.84 11.98 15.21
C ARG A 221 -24.65 12.34 16.11
N THR A 222 -23.44 12.38 15.57
CA THR A 222 -22.27 12.65 16.42
C THR A 222 -21.92 14.12 16.55
N VAL A 223 -22.63 15.01 15.88
CA VAL A 223 -22.47 16.44 16.14
C VAL A 223 -23.46 16.80 17.24
N VAL A 224 -22.94 17.26 18.38
CA VAL A 224 -23.73 17.45 19.59
C VAL A 224 -23.47 18.86 20.11
N GLU A 225 -24.45 19.36 20.87
CA GLU A 225 -24.59 20.77 21.16
C GLU A 225 -24.90 20.90 22.65
N ASP A 226 -24.30 21.89 23.32
CA ASP A 226 -24.58 22.09 24.74
C ASP A 226 -25.86 22.92 24.89
N GLU A 227 -26.25 23.17 26.15
CA GLU A 227 -27.52 23.87 26.39
C GLU A 227 -27.49 25.29 25.84
N ASN A 228 -26.32 25.90 25.78
CA ASN A 228 -26.18 27.27 25.30
C ASN A 228 -25.94 27.35 23.79
N GLY A 229 -26.05 26.22 23.08
CA GLY A 229 -25.95 26.23 21.63
C GLY A 229 -24.57 25.97 21.06
N GLU A 230 -23.57 25.66 21.88
CA GLU A 230 -22.21 25.47 21.39
C GLU A 230 -21.95 23.98 21.12
N GLU A 231 -21.25 23.71 20.02
CA GLU A 231 -20.96 22.32 19.69
C GLU A 231 -19.90 21.78 20.65
N MET A 232 -20.08 20.55 21.10
CA MET A 232 -19.16 19.91 22.01
C MET A 232 -18.29 18.93 21.23
N GLU A 233 -16.97 18.99 21.45
CA GLU A 233 -16.04 18.24 20.61
C GLU A 233 -15.31 17.19 21.43
N ILE A 234 -14.73 16.23 20.70
CA ILE A 234 -13.85 15.21 21.26
C ILE A 234 -12.64 15.10 20.34
N LEU A 235 -11.55 14.55 20.88
CA LEU A 235 -10.33 14.32 20.12
C LEU A 235 -10.25 12.81 19.82
N ARG A 236 -10.49 12.44 18.56
CA ARG A 236 -10.47 11.04 18.17
C ARG A 236 -9.07 10.64 17.73
N HIS A 237 -8.68 9.40 18.07
CA HIS A 237 -7.41 8.82 17.62
C HIS A 237 -7.64 7.46 16.96
N SER A 238 -8.84 7.25 16.41
CA SER A 238 -9.24 5.95 15.88
C SER A 238 -8.30 5.51 14.75
N LEU A 239 -8.07 4.19 14.66
CA LEU A 239 -7.24 3.63 13.57
C LEU A 239 -7.81 2.32 13.05
N PRO A 240 -7.75 2.09 11.73
CA PRO A 240 -8.20 0.81 11.16
C PRO A 240 -7.38 -0.37 11.67
N TYR A 241 -8.00 -1.55 11.58
CA TYR A 241 -7.30 -2.81 11.79
C TYR A 241 -7.95 -3.83 10.88
N GLY A 242 -7.31 -4.99 10.73
CA GLY A 242 -7.99 -6.09 10.10
C GLY A 242 -7.05 -7.18 9.64
N ASP A 243 -7.63 -8.36 9.41
CA ASP A 243 -6.99 -9.47 8.73
C ASP A 243 -7.92 -9.95 7.63
N GLY A 244 -7.33 -10.37 6.50
CA GLY A 244 -8.15 -10.84 5.40
C GLY A 244 -9.05 -11.99 5.80
N LYS A 245 -8.59 -12.85 6.70
CA LYS A 245 -9.33 -14.05 7.05
C LYS A 245 -10.48 -13.83 8.02
N GLY A 246 -10.55 -12.68 8.70
CA GLY A 246 -11.49 -12.50 9.80
C GLY A 246 -11.99 -11.09 9.97
N ASP A 247 -12.08 -10.65 11.22
CA ASP A 247 -12.60 -9.33 11.52
C ASP A 247 -11.76 -8.25 10.85
N GLN A 248 -12.45 -7.25 10.31
CA GLN A 248 -11.86 -6.02 9.81
C GLN A 248 -12.72 -4.86 10.26
N GLY A 249 -12.08 -3.75 10.67
CA GLY A 249 -12.87 -2.63 11.14
C GLY A 249 -12.08 -1.42 11.58
N LEU A 250 -12.63 -0.69 12.54
CA LEU A 250 -12.03 0.52 13.09
C LEU A 250 -11.87 0.31 14.58
N PHE A 251 -10.69 0.60 15.11
CA PHE A 251 -10.53 0.70 16.56
C PHE A 251 -10.84 2.14 16.92
N PHE A 252 -12.03 2.36 17.47
CA PHE A 252 -12.42 3.72 17.82
C PHE A 252 -11.84 4.08 19.19
N ILE A 253 -11.25 5.27 19.27
CA ILE A 253 -10.77 5.77 20.55
C ILE A 253 -10.89 7.29 20.53
N ALA A 254 -11.34 7.85 21.64
CA ALA A 254 -11.42 9.30 21.77
C ALA A 254 -10.91 9.72 23.13
N TYR A 255 -10.31 10.91 23.16
CA TYR A 255 -9.87 11.58 24.38
C TYR A 255 -10.75 12.80 24.61
N THR A 256 -11.18 13.01 25.86
CA THR A 256 -12.13 14.08 26.14
C THR A 256 -11.97 14.55 27.58
N LYS A 257 -12.29 15.82 27.82
CA LYS A 257 -12.30 16.36 29.17
C LYS A 257 -13.63 16.11 29.87
N ASP A 258 -14.62 15.53 29.19
CA ASP A 258 -15.93 15.36 29.79
C ASP A 258 -16.60 14.14 29.17
N LEU A 259 -16.68 13.04 29.93
CA LEU A 259 -17.30 11.82 29.42
C LEU A 259 -18.80 12.02 29.13
N ASN A 260 -19.44 13.04 29.70
CA ASN A 260 -20.83 13.26 29.37
C ASN A 260 -21.02 13.56 27.90
N ILE A 261 -19.99 14.11 27.23
CA ILE A 261 -20.08 14.35 25.79
C ILE A 261 -20.21 13.03 25.04
N ILE A 262 -19.34 12.05 25.35
CA ILE A 262 -19.41 10.72 24.75
C ILE A 262 -20.75 10.05 25.06
N ASP A 263 -21.21 10.16 26.30
CA ASP A 263 -22.53 9.60 26.64
C ASP A 263 -23.58 10.06 25.64
N LEU A 264 -23.65 11.37 25.41
CA LEU A 264 -24.69 11.93 24.53
C LEU A 264 -24.54 11.44 23.10
N MET A 265 -23.29 11.31 22.65
CA MET A 265 -23.00 10.85 21.30
C MET A 265 -23.49 9.43 21.11
N LEU A 266 -23.15 8.56 22.07
CA LEU A 266 -23.55 7.16 22.01
C LEU A 266 -25.07 7.01 22.09
N ASN A 267 -25.71 7.76 22.99
CA ASN A 267 -27.18 7.75 23.07
C ASN A 267 -27.79 8.09 21.72
N ARG A 268 -27.30 9.14 21.07
CA ARG A 268 -27.85 9.57 19.79
C ARG A 268 -27.59 8.53 18.70
N MET A 269 -26.42 7.89 18.73
CA MET A 269 -26.06 6.90 17.72
C MET A 269 -26.91 5.64 17.87
N PHE A 270 -26.98 5.10 19.10
CA PHE A 270 -27.61 3.80 19.29
C PHE A 270 -29.13 3.88 19.43
N GLY A 271 -29.67 5.08 19.61
CA GLY A 271 -31.10 5.28 19.61
C GLY A 271 -31.76 5.43 20.97
N THR A 272 -31.04 5.94 21.97
CA THR A 272 -31.62 6.10 23.31
C THR A 272 -31.64 7.56 23.77
N SER A 273 -31.43 8.52 22.87
CA SER A 273 -31.33 9.91 23.28
C SER A 273 -32.67 10.58 23.53
N GLY A 274 -33.77 9.97 23.10
CA GLY A 274 -35.09 10.52 23.33
C GLY A 274 -35.78 11.06 22.10
N ASP A 275 -35.07 11.25 21.00
CA ASP A 275 -35.71 11.71 19.76
C ASP A 275 -36.07 10.55 18.85
N GLY A 276 -35.83 9.32 19.28
CA GLY A 276 -36.22 8.14 18.54
C GLY A 276 -35.42 7.86 17.28
N ILE A 277 -34.34 8.59 17.05
CA ILE A 277 -33.53 8.43 15.83
C ILE A 277 -32.27 7.65 16.20
N HIS A 278 -31.72 6.91 15.24
CA HIS A 278 -30.43 6.25 15.45
C HIS A 278 -29.54 6.47 14.22
N ASP A 279 -28.27 6.15 14.40
CA ASP A 279 -27.25 6.30 13.36
C ASP A 279 -27.35 5.16 12.34
N ARG A 280 -27.66 5.51 11.10
CA ARG A 280 -27.76 4.49 10.04
C ARG A 280 -26.45 3.74 9.81
N LEU A 281 -25.30 4.33 10.15
CA LEU A 281 -24.05 3.60 10.00
C LEU A 281 -24.04 2.33 10.84
N LEU A 282 -24.82 2.29 11.94
CA LEU A 282 -24.82 1.13 12.81
C LEU A 282 -25.48 -0.10 12.17
N HIS A 283 -26.08 0.05 10.98
CA HIS A 283 -26.52 -1.12 10.21
C HIS A 283 -25.35 -1.85 9.54
N PHE A 284 -24.12 -1.32 9.63
CA PHE A 284 -22.98 -1.87 8.90
C PHE A 284 -21.74 -2.10 9.75
N VAL A 285 -21.77 -1.73 11.03
CA VAL A 285 -20.65 -1.92 11.92
C VAL A 285 -21.17 -2.39 13.27
N THR A 286 -20.36 -3.15 13.99
CA THR A 286 -20.77 -3.74 15.24
C THR A 286 -19.73 -3.43 16.33
N PRO A 287 -20.14 -2.87 17.47
CA PRO A 287 -19.19 -2.75 18.59
C PRO A 287 -18.93 -4.10 19.23
N LEU A 288 -17.67 -4.34 19.57
CA LEU A 288 -17.28 -5.64 20.13
C LEU A 288 -16.73 -5.58 21.55
N ASP A 289 -16.53 -4.38 22.09
CA ASP A 289 -16.11 -4.18 23.47
C ASP A 289 -16.48 -2.74 23.84
N GLY A 290 -15.78 -2.17 24.81
CA GLY A 290 -16.00 -0.77 25.15
C GLY A 290 -15.92 -0.44 26.62
N ALA A 291 -15.25 0.65 26.96
CA ALA A 291 -15.02 1.03 28.35
C ALA A 291 -14.50 2.46 28.40
N TYR A 292 -14.58 3.04 29.60
CA TYR A 292 -14.06 4.36 29.92
C TYR A 292 -12.83 4.22 30.82
N TYR A 293 -11.88 5.15 30.65
CA TYR A 293 -10.63 5.14 31.41
C TYR A 293 -10.22 6.56 31.74
N PHE A 294 -9.30 6.70 32.68
CA PHE A 294 -8.66 7.98 32.97
C PHE A 294 -7.17 7.86 32.71
N ALA A 295 -6.65 8.74 31.84
CA ALA A 295 -5.23 8.89 31.59
C ALA A 295 -4.70 10.08 32.38
N PRO A 296 -3.94 9.87 33.45
CA PRO A 296 -3.40 11.01 34.20
C PRO A 296 -2.38 11.79 33.39
N SER A 297 -2.08 13.01 33.86
CA SER A 297 -0.94 13.70 33.30
C SER A 297 0.32 12.87 33.51
N ALA A 298 1.37 13.20 32.76
CA ALA A 298 2.63 12.48 32.92
C ALA A 298 3.18 12.66 34.33
N GLU A 299 2.96 13.83 34.93
CA GLU A 299 3.43 14.08 36.30
C GLU A 299 2.62 13.28 37.32
N LEU A 300 1.28 13.28 37.18
CA LEU A 300 0.49 12.49 38.11
C LEU A 300 0.79 11.00 37.94
N LEU A 301 0.98 10.53 36.70
CA LEU A 301 1.36 9.15 36.48
C LEU A 301 2.69 8.82 37.19
N GLU A 302 3.65 9.75 37.13
CA GLU A 302 4.91 9.57 37.84
C GLU A 302 4.70 9.47 39.35
N VAL A 303 3.79 10.28 39.90
CA VAL A 303 3.48 10.20 41.32
C VAL A 303 2.96 8.80 41.67
N ILE A 304 2.06 8.27 40.83
CA ILE A 304 1.51 6.96 41.09
C ILE A 304 2.59 5.90 41.03
N LEU A 305 3.49 6.00 40.05
CA LEU A 305 4.53 4.97 39.89
C LEU A 305 5.49 4.97 41.08
N GLU A 306 5.79 6.14 41.63
CA GLU A 306 6.77 6.28 42.70
C GLU A 306 6.18 6.05 44.08
N SER A 307 4.86 5.95 44.21
CA SER A 307 4.23 5.82 45.53
C SER A 307 4.37 4.39 46.06
CA GLY B 2 17.93 1.97 -30.71
C GLY B 2 17.47 2.39 -29.32
N THR B 3 17.34 3.69 -29.08
CA THR B 3 16.96 4.22 -27.77
C THR B 3 15.80 5.19 -27.90
N ALA B 4 14.72 4.94 -27.17
CA ALA B 4 13.62 5.90 -27.12
C ALA B 4 14.10 7.20 -26.49
N GLN B 5 13.51 8.30 -26.93
CA GLN B 5 13.80 9.53 -26.22
C GLN B 5 13.37 9.40 -24.76
N SER B 6 14.01 10.17 -23.89
CA SER B 6 14.12 9.76 -22.49
C SER B 6 12.81 9.85 -21.71
N VAL B 7 11.85 10.65 -22.16
CA VAL B 7 10.61 10.78 -21.37
C VAL B 7 9.64 9.63 -21.61
N ILE B 8 9.79 8.88 -22.71
CA ILE B 8 8.70 7.99 -23.13
C ILE B 8 8.50 6.84 -22.16
N LEU B 9 9.56 6.08 -21.85
CA LEU B 9 9.39 4.82 -21.12
C LEU B 9 9.23 4.96 -19.60
N PRO B 10 9.95 5.85 -18.92
CA PRO B 10 9.86 5.88 -17.45
C PRO B 10 8.45 6.27 -17.00
N LEU B 11 8.09 5.86 -15.78
CA LEU B 11 6.79 6.25 -15.23
C LEU B 11 6.75 7.78 -15.06
N PRO B 12 5.54 8.35 -15.04
CA PRO B 12 5.40 9.82 -15.03
C PRO B 12 6.01 10.48 -13.80
N SER B 13 6.65 11.63 -14.03
CA SER B 13 7.14 12.50 -12.96
C SER B 13 6.05 13.49 -12.54
N ASP B 14 6.33 14.26 -11.48
CA ASP B 14 5.30 15.12 -10.91
C ASP B 14 5.01 16.40 -11.70
N HIS B 15 5.94 16.84 -12.55
CA HIS B 15 5.82 18.13 -13.24
C HIS B 15 6.13 17.96 -14.71
N ALA B 16 5.43 18.71 -15.56
CA ALA B 16 5.70 18.66 -17.00
C ALA B 16 5.39 19.99 -17.65
N ARG B 17 5.95 20.18 -18.84
CA ARG B 17 5.56 21.25 -19.75
C ARG B 17 5.36 20.64 -21.14
N PHE B 18 4.21 20.92 -21.76
CA PHE B 18 3.89 20.42 -23.10
C PHE B 18 3.82 21.59 -24.06
N ILE B 19 4.71 21.63 -25.04
CA ILE B 19 4.89 22.77 -25.92
C ILE B 19 4.55 22.35 -27.35
N SER B 20 3.70 23.12 -28.01
CA SER B 20 3.41 22.97 -29.44
C SER B 20 3.67 24.30 -30.14
N LEU B 21 4.36 24.25 -31.28
CA LEU B 21 4.73 25.50 -31.94
C LEU B 21 4.80 25.32 -33.44
N ARG B 22 4.73 26.46 -34.12
CA ARG B 22 4.98 26.55 -35.55
C ARG B 22 6.22 27.40 -35.76
N LEU B 23 7.00 27.05 -36.80
CA LEU B 23 8.33 27.63 -36.96
C LEU B 23 8.27 29.12 -37.25
N LYS B 24 7.24 29.59 -37.94
CA LYS B 24 7.11 30.98 -38.35
C LYS B 24 8.41 31.42 -39.04
N ASP B 25 9.19 32.28 -38.38
CA ASP B 25 10.39 32.83 -38.99
C ASP B 25 11.65 32.02 -38.70
N LEU B 26 11.54 30.93 -37.94
CA LEU B 26 12.73 30.15 -37.58
C LEU B 26 13.09 29.24 -38.74
N SER B 27 14.37 29.21 -39.09
CA SER B 27 14.87 28.31 -40.11
C SER B 27 15.08 26.92 -39.54
N VAL B 28 15.22 25.95 -40.45
CA VAL B 28 15.50 24.57 -40.04
C VAL B 28 16.84 24.48 -39.32
N ALA B 29 17.84 25.22 -39.80
CA ALA B 29 19.14 25.22 -39.13
C ALA B 29 19.03 25.80 -37.73
N GLU B 30 18.26 26.89 -37.58
CA GLU B 30 18.08 27.47 -36.26
C GLU B 30 17.31 26.52 -35.35
N LEU B 31 16.34 25.79 -35.90
CA LEU B 31 15.64 24.79 -35.09
C LEU B 31 16.61 23.74 -34.56
N LYS B 32 17.50 23.24 -35.42
CA LYS B 32 18.49 22.27 -34.98
C LYS B 32 19.37 22.85 -33.89
N LYS B 33 19.75 24.13 -34.02
CA LYS B 33 20.59 24.77 -33.02
C LYS B 33 19.87 24.83 -31.67
N HIS B 34 18.57 25.09 -31.69
CA HIS B 34 17.87 25.27 -30.43
C HIS B 34 17.44 23.95 -29.78
N ILE B 35 17.18 22.91 -30.58
CA ILE B 35 17.10 21.56 -30.00
C ILE B 35 18.42 21.20 -29.33
N ALA B 36 19.53 21.49 -30.00
CA ALA B 36 20.83 21.22 -29.39
C ALA B 36 21.01 22.03 -28.11
N LEU B 37 20.49 23.26 -28.07
CA LEU B 37 20.57 24.04 -26.83
C LEU B 37 19.72 23.42 -25.72
N LEU B 38 18.52 22.94 -26.06
CA LEU B 38 17.72 22.19 -25.11
C LEU B 38 18.51 21.00 -24.57
N HIS B 39 19.14 20.23 -25.47
CA HIS B 39 19.87 19.04 -25.07
C HIS B 39 21.05 19.40 -24.18
N SER B 40 21.73 20.50 -24.52
CA SER B 40 22.89 20.92 -23.72
C SER B 40 22.48 21.20 -22.28
N THR B 41 21.41 21.97 -22.08
CA THR B 41 20.96 22.27 -20.72
C THR B 41 20.39 21.02 -20.05
N ARG B 42 19.66 20.19 -20.79
CA ARG B 42 19.24 18.91 -20.25
C ARG B 42 20.44 18.13 -19.72
N ASP B 43 21.46 17.95 -20.57
CA ASP B 43 22.64 17.17 -20.17
C ASP B 43 23.32 17.78 -18.95
N ARG B 44 23.47 19.11 -18.94
CA ARG B 44 24.14 19.79 -17.84
C ARG B 44 23.40 19.59 -16.52
N LEU B 45 22.08 19.77 -16.54
CA LEU B 45 21.32 19.62 -15.31
C LEU B 45 21.25 18.18 -14.86
N ILE B 46 21.27 17.22 -15.80
CA ILE B 46 21.32 15.81 -15.38
C ILE B 46 22.58 15.56 -14.56
N THR B 47 23.72 16.09 -15.00
CA THR B 47 24.95 15.91 -14.22
C THR B 47 24.83 16.55 -12.85
N GLN B 48 24.12 17.67 -12.73
CA GLN B 48 23.97 18.35 -11.46
C GLN B 48 22.81 17.79 -10.61
N HIS B 49 21.79 17.18 -11.22
CA HIS B 49 20.62 16.70 -10.49
C HIS B 49 20.26 15.32 -10.99
N PRO B 50 21.10 14.31 -10.74
CA PRO B 50 20.85 12.99 -11.34
C PRO B 50 19.61 12.29 -10.79
N ALA B 51 19.08 12.71 -9.65
CA ALA B 51 17.84 12.14 -9.12
C ALA B 51 16.59 12.92 -9.53
N ALA B 52 16.73 14.00 -10.32
CA ALA B 52 15.59 14.87 -10.64
C ALA B 52 14.75 14.37 -11.83
N GLN B 53 15.00 13.17 -12.36
CA GLN B 53 14.13 12.57 -13.38
C GLN B 53 13.97 13.49 -14.58
N ILE B 54 15.07 14.08 -15.03
CA ILE B 54 15.05 15.08 -16.08
C ILE B 54 14.92 14.35 -17.42
N LYS B 55 13.78 14.55 -18.09
CA LYS B 55 13.41 13.78 -19.27
C LYS B 55 12.78 14.70 -20.31
N ALA B 56 12.86 14.30 -21.58
CA ALA B 56 12.22 15.07 -22.64
C ALA B 56 12.02 14.20 -23.88
N ALA B 57 11.14 14.68 -24.75
CA ALA B 57 11.01 14.19 -26.12
C ALA B 57 10.72 15.37 -27.03
N VAL B 58 11.38 15.39 -28.19
CA VAL B 58 11.12 16.39 -29.22
C VAL B 58 10.54 15.65 -30.42
N ALA B 59 9.41 16.13 -30.92
CA ALA B 59 8.73 15.45 -32.01
C ALA B 59 8.33 16.47 -33.08
N PHE B 60 7.98 15.96 -34.27
CA PHE B 60 7.81 16.81 -35.43
C PHE B 60 6.53 16.51 -36.21
N GLY B 61 5.92 17.59 -36.72
CA GLY B 61 4.78 17.48 -37.60
C GLY B 61 5.16 16.92 -38.95
N PRO B 62 4.17 16.45 -39.72
CA PRO B 62 4.49 15.82 -41.03
C PRO B 62 5.29 16.70 -41.98
N GLU B 63 4.97 17.99 -42.09
CA GLU B 63 5.63 18.83 -43.08
C GLU B 63 7.07 19.13 -42.69
N ILE B 64 7.30 19.55 -41.46
CA ILE B 64 8.66 19.92 -41.08
C ILE B 64 9.53 18.67 -41.00
N TRP B 65 8.93 17.51 -40.66
CA TRP B 65 9.71 16.27 -40.60
C TRP B 65 10.44 16.00 -41.91
N LEU B 66 9.73 16.16 -43.03
CA LEU B 66 10.33 15.92 -44.34
C LEU B 66 11.45 16.90 -44.66
N GLN B 67 11.42 18.08 -44.04
CA GLN B 67 12.51 19.03 -44.16
C GLN B 67 13.72 18.61 -43.33
N LEU B 68 13.53 17.80 -42.30
CA LEU B 68 14.63 17.31 -41.49
C LEU B 68 15.17 15.97 -41.99
N TYR B 69 14.30 15.14 -42.57
CA TYR B 69 14.67 13.79 -42.96
C TYR B 69 13.75 13.36 -44.11
N LYS B 70 14.34 13.13 -45.28
CA LYS B 70 13.60 13.00 -46.53
C LYS B 70 12.93 11.62 -46.70
N GLU B 71 12.26 11.15 -45.64
CA GLU B 71 11.57 9.86 -45.66
C GLU B 71 10.55 9.86 -44.52
N MET B 72 9.29 9.49 -44.84
CA MET B 72 8.28 9.41 -43.77
C MET B 72 8.32 8.05 -43.09
N PRO B 73 8.16 8.01 -41.77
CA PRO B 73 7.87 6.73 -41.11
C PRO B 73 6.55 6.18 -41.62
N SER B 74 6.47 4.85 -41.67
CA SER B 74 5.27 4.23 -42.21
C SER B 74 4.04 4.61 -41.38
N GLY B 75 3.01 5.08 -42.07
CA GLY B 75 1.78 5.46 -41.41
C GLY B 75 1.72 6.88 -40.87
N PHE B 76 2.80 7.65 -40.99
CA PHE B 76 2.79 8.99 -40.42
C PHE B 76 1.89 9.88 -41.25
N LYS B 77 1.02 10.63 -40.58
CA LYS B 77 0.05 11.48 -41.24
C LYS B 77 -0.47 12.46 -40.20
N GLN B 78 -1.17 13.49 -40.67
CA GLN B 78 -1.76 14.43 -39.75
C GLN B 78 -3.09 13.91 -39.22
N LEU B 79 -3.39 14.26 -37.97
CA LEU B 79 -4.69 13.99 -37.38
C LEU B 79 -5.79 14.60 -38.24
N ALA B 80 -6.90 13.85 -38.40
CA ALA B 80 -8.11 14.29 -39.09
C ALA B 80 -9.15 14.76 -38.09
N PRO B 81 -9.87 15.85 -38.38
CA PRO B 81 -10.91 16.33 -37.46
C PRO B 81 -12.00 15.29 -37.29
N GLN B 82 -12.73 15.39 -36.17
CA GLN B 82 -13.92 14.58 -35.94
C GLN B 82 -15.16 15.45 -36.12
N GLN B 83 -16.07 15.00 -36.97
CA GLN B 83 -17.37 15.64 -37.17
C GLN B 83 -18.46 14.65 -36.76
N GLY B 84 -18.53 14.34 -35.47
CA GLY B 84 -19.49 13.36 -35.03
C GLY B 84 -20.59 13.99 -34.19
N THR B 85 -21.03 13.28 -33.16
CA THR B 85 -21.93 13.90 -32.18
C THR B 85 -21.28 15.13 -31.59
N PHE B 86 -20.00 15.04 -31.29
CA PHE B 86 -19.18 16.17 -30.88
C PHE B 86 -18.12 16.40 -31.94
N GLN B 87 -17.61 17.63 -31.98
CA GLN B 87 -16.55 18.02 -32.89
C GLN B 87 -15.21 17.90 -32.17
N MET B 88 -14.20 17.43 -32.90
CA MET B 88 -12.84 17.45 -32.37
C MET B 88 -11.99 18.26 -33.34
N PRO B 89 -11.30 19.30 -32.90
CA PRO B 89 -10.53 20.13 -33.83
C PRO B 89 -9.16 19.53 -34.09
N VAL B 90 -8.51 20.03 -35.13
CA VAL B 90 -7.09 19.78 -35.39
C VAL B 90 -6.37 21.12 -35.43
N VAL B 91 -5.26 21.22 -34.71
CA VAL B 91 -4.41 22.40 -34.80
C VAL B 91 -3.00 21.92 -35.14
N PRO B 92 -2.64 21.88 -36.43
CA PRO B 92 -1.32 21.38 -36.82
C PRO B 92 -0.20 22.18 -36.17
N ALA B 93 0.85 21.49 -35.75
CA ALA B 93 2.02 22.13 -35.20
C ALA B 93 3.27 21.49 -35.79
N ASP B 94 4.33 22.29 -35.93
CA ASP B 94 5.57 21.81 -36.51
C ASP B 94 6.42 21.05 -35.51
N VAL B 95 6.47 21.53 -34.27
CA VAL B 95 7.34 20.97 -33.24
C VAL B 95 6.53 20.79 -31.96
N PHE B 96 6.71 19.64 -31.32
CA PHE B 96 6.15 19.34 -30.02
C PHE B 96 7.29 19.00 -29.07
N ILE B 97 7.24 19.53 -27.85
CA ILE B 97 8.25 19.25 -26.85
C ILE B 97 7.55 18.81 -25.58
N HIS B 98 7.90 17.63 -25.10
CA HIS B 98 7.39 17.07 -23.86
C HIS B 98 8.55 17.15 -22.88
N ILE B 99 8.44 18.02 -21.89
CA ILE B 99 9.45 18.19 -20.85
C ILE B 99 8.85 17.67 -19.54
N ALA B 100 9.66 16.93 -18.78
CA ALA B 100 9.19 16.41 -17.49
C ALA B 100 10.35 16.34 -16.51
N SER B 101 10.03 16.42 -15.23
CA SER B 101 11.02 16.35 -14.16
C SER B 101 10.30 16.21 -12.83
N ALA B 102 11.06 15.79 -11.82
CA ALA B 102 10.53 15.83 -10.46
C ALA B 102 10.38 17.27 -9.96
N ARG B 103 10.90 18.27 -10.69
CA ARG B 103 10.96 19.64 -10.22
C ARG B 103 10.40 20.61 -11.25
N ALA B 104 9.60 21.56 -10.78
CA ALA B 104 9.03 22.55 -11.69
C ALA B 104 10.09 23.49 -12.22
N ASP B 105 11.09 23.83 -11.40
CA ASP B 105 12.12 24.76 -11.87
C ASP B 105 12.96 24.14 -12.99
N ILE B 106 13.20 22.83 -12.96
CA ILE B 106 13.95 22.20 -14.03
C ILE B 106 13.14 22.13 -15.32
N CYS B 107 11.83 21.86 -15.20
CA CYS B 107 10.98 21.91 -16.40
C CYS B 107 11.06 23.27 -17.06
N PHE B 108 11.04 24.32 -16.26
CA PHE B 108 11.17 25.67 -16.80
C PHE B 108 12.54 25.89 -17.44
N ALA B 109 13.60 25.41 -16.77
CA ALA B 109 14.95 25.62 -17.28
C ALA B 109 15.12 25.03 -18.67
N LEU B 110 14.53 23.86 -18.91
CA LEU B 110 14.67 23.25 -20.23
C LEU B 110 13.90 24.05 -21.28
N SER B 111 12.68 24.49 -20.96
CA SER B 111 11.95 25.33 -21.90
C SER B 111 12.69 26.63 -22.16
N GLN B 112 13.20 27.26 -21.10
CA GLN B 112 13.98 28.49 -21.25
C GLN B 112 15.13 28.28 -22.22
N ALA B 113 15.80 27.12 -22.09
CA ALA B 113 16.98 26.85 -22.91
C ALA B 113 16.62 26.77 -24.38
N PHE B 114 15.51 26.09 -24.69
CA PHE B 114 15.09 26.00 -26.08
C PHE B 114 14.76 27.37 -26.65
N PHE B 115 14.07 28.21 -25.87
CA PHE B 115 13.51 29.45 -26.39
C PHE B 115 14.46 30.64 -26.33
N GLU B 116 15.63 30.50 -25.71
CA GLU B 116 16.53 31.63 -25.49
C GLU B 116 16.85 32.33 -26.81
N GLY B 117 16.33 33.56 -26.99
CA GLY B 117 16.63 34.36 -28.15
C GLY B 117 15.76 34.15 -29.36
N ILE B 118 14.73 33.29 -29.29
CA ILE B 118 13.85 33.06 -30.45
C ILE B 118 12.39 33.21 -30.08
N LYS B 119 12.10 33.85 -28.95
CA LYS B 119 10.71 33.98 -28.50
C LYS B 119 9.83 34.62 -29.58
N ASP B 120 10.35 35.61 -30.30
CA ASP B 120 9.59 36.29 -31.33
C ASP B 120 9.76 35.68 -32.71
N LYS B 121 10.65 34.71 -32.86
CA LYS B 121 10.84 34.08 -34.17
C LYS B 121 9.91 32.90 -34.40
N VAL B 122 9.38 32.29 -33.35
CA VAL B 122 8.47 31.17 -33.48
C VAL B 122 7.08 31.60 -33.05
N GLU B 123 6.09 30.79 -33.42
CA GLU B 123 4.70 30.98 -32.98
C GLU B 123 4.34 29.82 -32.06
N VAL B 124 4.34 30.07 -30.75
CA VAL B 124 3.98 29.04 -29.78
C VAL B 124 2.46 28.97 -29.69
N LEU B 125 1.89 27.81 -30.05
CA LEU B 125 0.46 27.61 -29.87
C LEU B 125 0.10 27.45 -28.40
N ASP B 126 0.88 26.67 -27.64
CA ASP B 126 0.62 26.51 -26.22
C ASP B 126 1.89 26.01 -25.55
N GLU B 127 2.13 26.49 -24.33
CA GLU B 127 3.15 25.95 -23.45
C GLU B 127 2.41 25.62 -22.16
N ARG B 128 1.96 24.37 -22.02
CA ARG B 128 1.04 24.01 -20.96
C ARG B 128 1.80 23.45 -19.77
N VAL B 129 1.69 24.13 -18.64
CA VAL B 129 2.29 23.63 -17.39
C VAL B 129 1.33 22.65 -16.73
N CYS B 130 1.83 21.46 -16.42
CA CYS B 130 1.00 20.40 -15.88
C CYS B 130 1.65 19.87 -14.61
N PHE B 131 0.83 19.19 -13.79
CA PHE B 131 1.26 18.66 -12.50
C PHE B 131 0.44 17.41 -12.18
N ARG B 132 1.09 16.43 -11.56
CA ARG B 132 0.34 15.33 -10.96
C ARG B 132 -0.65 15.89 -9.95
N TYR B 133 -1.87 15.35 -9.97
CA TYR B 133 -2.98 15.89 -9.19
C TYR B 133 -3.39 14.84 -8.18
N PHE B 134 -3.02 15.06 -6.92
CA PHE B 134 -3.24 14.14 -5.82
C PHE B 134 -2.75 12.75 -6.22
N ASP B 135 -3.50 11.69 -5.89
CA ASP B 135 -2.96 10.35 -6.10
C ASP B 135 -3.19 9.87 -7.55
N GLY B 136 -2.60 10.61 -8.50
CA GLY B 136 -2.71 10.25 -9.91
C GLY B 136 -4.08 10.41 -10.52
N ARG B 137 -4.83 11.43 -10.12
CA ARG B 137 -6.21 11.62 -10.56
C ARG B 137 -6.31 12.72 -11.63
N ASP B 138 -7.34 12.60 -12.46
CA ASP B 138 -7.87 13.69 -13.25
C ASP B 138 -8.73 14.58 -12.35
N ILE B 139 -8.94 15.83 -12.75
CA ILE B 139 -9.69 16.74 -11.88
C ILE B 139 -11.17 16.40 -11.78
N THR B 140 -11.67 15.44 -12.58
CA THR B 140 -12.98 14.86 -12.30
C THR B 140 -13.00 14.13 -10.97
N GLY B 141 -11.83 13.82 -10.40
CA GLY B 141 -11.73 12.98 -9.23
C GLY B 141 -11.44 11.52 -9.52
N PHE B 142 -11.42 11.12 -10.79
CA PHE B 142 -11.17 9.73 -11.16
C PHE B 142 -9.68 9.51 -11.42
N ILE B 143 -9.19 8.35 -11.01
CA ILE B 143 -7.80 8.01 -11.26
C ILE B 143 -7.57 7.83 -12.76
N ASP B 144 -6.52 8.43 -13.28
CA ASP B 144 -6.14 8.29 -14.68
C ASP B 144 -4.91 7.42 -14.75
N GLY B 145 -4.98 6.35 -15.54
CA GLY B 145 -3.81 5.53 -15.83
C GLY B 145 -3.92 4.07 -15.44
N THR B 146 -5.05 3.64 -14.86
CA THR B 146 -5.17 2.30 -14.32
C THR B 146 -4.81 1.21 -15.33
N GLU B 147 -5.29 1.33 -16.57
CA GLU B 147 -5.04 0.30 -17.58
C GLU B 147 -3.90 0.66 -18.53
N ASN B 148 -3.20 1.75 -18.26
CA ASN B 148 -1.98 2.07 -18.98
C ASN B 148 -0.93 0.97 -18.78
N PRO B 149 -0.18 0.60 -19.81
CA PRO B 149 0.93 -0.34 -19.61
C PRO B 149 1.89 0.15 -18.55
N GLN B 150 2.30 -0.78 -17.69
CA GLN B 150 3.05 -0.45 -16.47
C GLN B 150 4.48 -0.95 -16.47
N PHE B 151 4.70 -2.21 -16.85
CA PHE B 151 6.05 -2.74 -16.94
C PHE B 151 6.82 -2.05 -18.07
N ASN B 152 8.13 -1.86 -17.86
CA ASN B 152 8.98 -1.24 -18.87
C ASN B 152 8.81 -1.90 -20.23
N ASP B 153 8.93 -3.24 -20.28
CA ASP B 153 8.89 -3.95 -21.56
C ASP B 153 7.56 -3.78 -22.26
N ASP B 154 6.45 -3.76 -21.51
CA ASP B 154 5.14 -3.53 -22.10
C ASP B 154 5.04 -2.10 -22.65
N ARG B 155 5.54 -1.12 -21.89
CA ARG B 155 5.49 0.27 -22.35
C ARG B 155 6.27 0.43 -23.66
N ALA B 156 7.44 -0.21 -23.75
CA ALA B 156 8.23 -0.14 -24.98
C ALA B 156 7.53 -0.85 -26.13
N GLU B 157 6.92 -2.02 -25.87
CA GLU B 157 6.29 -2.77 -26.95
C GLU B 157 5.11 -1.99 -27.52
N VAL B 158 4.38 -1.29 -26.65
CA VAL B 158 3.21 -0.55 -27.09
C VAL B 158 3.59 0.73 -27.82
N ALA B 159 4.61 1.44 -27.33
CA ALA B 159 4.86 2.78 -27.79
C ALA B 159 5.80 2.87 -28.99
N LEU B 160 6.73 1.94 -29.15
CA LEU B 160 7.91 2.17 -29.99
C LEU B 160 7.81 1.43 -31.31
N LEU B 161 8.27 2.09 -32.38
CA LEU B 161 8.28 1.41 -33.67
C LEU B 161 9.28 0.25 -33.62
N PRO B 162 8.99 -0.84 -34.31
CA PRO B 162 9.80 -2.07 -34.17
C PRO B 162 11.09 -2.00 -34.98
N GLU B 163 11.91 -3.04 -34.80
CA GLU B 163 13.24 -3.04 -35.39
C GLU B 163 13.22 -2.99 -36.91
N ASP B 164 12.21 -3.58 -37.55
CA ASP B 164 12.23 -3.57 -39.00
C ASP B 164 11.67 -2.27 -39.58
N SER B 165 11.51 -1.22 -38.76
CA SER B 165 11.27 0.13 -39.23
C SER B 165 12.54 0.85 -39.64
N GLY B 166 13.69 0.17 -39.69
CA GLY B 166 14.90 0.83 -40.13
C GLY B 166 15.32 1.93 -39.16
N VAL B 167 15.64 3.10 -39.70
CA VAL B 167 16.06 4.21 -38.85
C VAL B 167 14.93 4.68 -37.95
N PHE B 168 13.69 4.36 -38.31
CA PHE B 168 12.55 4.80 -37.50
C PHE B 168 12.31 3.92 -36.27
N ALA B 169 13.02 2.80 -36.15
CA ALA B 169 12.90 1.96 -34.96
C ALA B 169 13.17 2.76 -33.70
N ASP B 170 12.38 2.49 -32.66
CA ASP B 170 12.48 3.13 -31.35
C ASP B 170 12.09 4.60 -31.37
N GLY B 171 11.60 5.09 -32.50
CA GLY B 171 10.76 6.27 -32.50
C GLY B 171 9.35 5.93 -32.06
N SER B 172 8.49 6.95 -32.03
CA SER B 172 7.13 6.79 -31.53
C SER B 172 6.27 7.91 -32.10
N PHE B 173 4.99 7.61 -32.33
CA PHE B 173 4.06 8.64 -32.76
C PHE B 173 3.39 9.28 -31.55
N ILE B 174 3.29 10.60 -31.55
CA ILE B 174 2.69 11.35 -30.45
C ILE B 174 1.35 11.90 -30.90
N PHE B 175 0.32 11.68 -30.09
CA PHE B 175 -0.95 12.38 -30.20
C PHE B 175 -1.10 13.25 -28.96
N ALA B 176 -1.25 14.56 -29.16
CA ALA B 176 -1.35 15.52 -28.06
C ALA B 176 -2.59 16.38 -28.26
N GLN B 177 -3.38 16.53 -27.19
CA GLN B 177 -4.67 17.23 -27.28
C GLN B 177 -5.06 17.71 -25.89
N ARG B 178 -5.24 19.02 -25.73
CA ARG B 178 -5.61 19.59 -24.44
C ARG B 178 -7.14 19.58 -24.30
N TYR B 179 -7.62 19.11 -23.15
CA TYR B 179 -9.04 19.11 -22.84
C TYR B 179 -9.34 20.12 -21.74
N ALA B 180 -10.49 20.79 -21.85
CA ALA B 180 -10.98 21.67 -20.79
C ALA B 180 -12.28 21.08 -20.24
N HIS B 181 -12.37 20.95 -18.92
CA HIS B 181 -13.50 20.31 -18.25
C HIS B 181 -14.53 21.35 -17.81
N ASP B 182 -15.80 20.92 -17.81
CA ASP B 182 -16.89 21.69 -17.20
C ASP B 182 -17.18 21.03 -15.85
N LEU B 183 -16.41 21.43 -14.85
CA LEU B 183 -16.51 20.76 -13.55
C LEU B 183 -17.81 21.12 -12.86
N GLU B 184 -18.36 22.29 -13.14
CA GLU B 184 -19.63 22.67 -12.53
C GLU B 184 -20.75 21.74 -13.00
N LYS B 185 -20.77 21.41 -14.29
CA LYS B 185 -21.73 20.44 -14.79
C LYS B 185 -21.45 19.04 -14.24
N TRP B 186 -20.17 18.67 -14.19
CA TRP B 186 -19.77 17.37 -13.68
C TRP B 186 -20.21 17.18 -12.22
N LYS B 187 -20.02 18.21 -11.39
CA LYS B 187 -20.20 18.08 -9.95
C LYS B 187 -21.66 17.97 -9.54
N ARG B 188 -22.59 18.31 -10.44
CA ARG B 188 -24.01 18.14 -10.14
C ARG B 188 -24.48 16.70 -10.27
N LEU B 189 -23.68 15.82 -10.88
CA LEU B 189 -24.02 14.43 -11.05
C LEU B 189 -23.84 13.67 -9.74
N LYS B 190 -24.65 12.64 -9.54
CA LYS B 190 -24.40 11.66 -8.50
C LYS B 190 -23.12 10.89 -8.80
N VAL B 191 -22.45 10.40 -7.75
CA VAL B 191 -21.22 9.65 -7.97
C VAL B 191 -21.47 8.38 -8.78
N ASP B 192 -22.58 7.68 -8.50
CA ASP B 192 -22.93 6.51 -9.32
C ASP B 192 -23.01 6.86 -10.79
N THR B 193 -23.55 8.04 -11.11
CA THR B 193 -23.66 8.42 -12.51
C THR B 193 -22.30 8.70 -13.11
N GLN B 194 -21.44 9.43 -12.40
CA GLN B 194 -20.06 9.61 -12.88
C GLN B 194 -19.39 8.28 -13.14
N GLU B 195 -19.63 7.29 -12.27
CA GLU B 195 -19.03 5.98 -12.49
C GLU B 195 -19.61 5.30 -13.73
N GLN B 196 -20.90 5.53 -14.02
CA GLN B 196 -21.48 5.03 -15.26
C GLN B 196 -20.85 5.68 -16.48
N ILE B 197 -20.49 6.96 -16.36
CA ILE B 197 -19.90 7.70 -17.48
C ILE B 197 -18.47 7.24 -17.74
N MET B 198 -17.74 6.92 -16.67
CA MET B 198 -16.34 6.59 -16.84
C MET B 198 -16.16 5.10 -17.11
N GLY B 199 -16.93 4.25 -16.41
CA GLY B 199 -16.78 2.81 -16.48
C GLY B 199 -15.95 2.18 -15.39
N ARG B 200 -15.45 2.97 -14.44
CA ARG B 200 -14.69 2.52 -13.27
C ARG B 200 -15.24 3.24 -12.05
N THR B 201 -14.96 2.70 -10.85
CA THR B 201 -15.42 3.38 -9.65
C THR B 201 -14.51 4.57 -9.34
N LYS B 202 -15.08 5.56 -8.65
CA LYS B 202 -14.39 6.83 -8.46
C LYS B 202 -13.26 6.73 -7.45
N LEU B 203 -13.53 6.20 -6.25
CA LEU B 203 -12.46 6.15 -5.24
C LEU B 203 -11.34 5.21 -5.68
N GLU B 204 -11.68 3.99 -6.10
CA GLU B 204 -10.70 2.92 -6.24
C GLU B 204 -10.26 2.66 -7.68
N SER B 205 -11.03 3.11 -8.67
CA SER B 205 -10.81 2.77 -10.08
C SER B 205 -10.98 1.26 -10.32
N ILE B 206 -11.94 0.65 -9.65
CA ILE B 206 -12.31 -0.72 -9.95
C ILE B 206 -13.23 -0.71 -11.17
N GLU B 207 -12.97 -1.60 -12.14
CA GLU B 207 -13.78 -1.63 -13.36
C GLU B 207 -15.20 -2.10 -13.07
N LEU B 208 -16.17 -1.42 -13.66
CA LEU B 208 -17.57 -1.83 -13.50
C LEU B 208 -17.81 -3.15 -14.22
N ASP B 209 -18.71 -3.95 -13.66
CA ASP B 209 -19.07 -5.22 -14.28
C ASP B 209 -19.70 -5.01 -15.65
N ASN B 210 -19.74 -6.10 -16.42
CA ASN B 210 -20.24 -6.02 -17.79
C ASN B 210 -21.71 -5.64 -17.81
N GLU B 211 -22.49 -6.16 -16.85
CA GLU B 211 -23.90 -5.77 -16.75
C GLU B 211 -24.07 -4.29 -16.44
N VAL B 212 -23.13 -3.72 -15.68
CA VAL B 212 -23.38 -2.43 -15.05
C VAL B 212 -22.78 -1.33 -15.93
N LYS B 213 -21.75 -1.68 -16.71
CA LYS B 213 -21.07 -0.69 -17.53
C LYS B 213 -21.83 -0.43 -18.83
N PRO B 214 -22.28 0.79 -19.08
CA PRO B 214 -23.01 1.06 -20.32
C PRO B 214 -22.07 1.14 -21.52
N GLU B 215 -22.66 0.96 -22.70
CA GLU B 215 -21.89 0.96 -23.94
C GLU B 215 -21.28 2.32 -24.24
N ASN B 216 -21.79 3.40 -23.65
CA ASN B 216 -21.26 4.73 -23.93
C ASN B 216 -20.35 5.24 -22.81
N ALA B 217 -19.96 4.36 -21.87
CA ALA B 217 -18.95 4.74 -20.89
C ALA B 217 -17.61 4.97 -21.57
N HIS B 218 -16.79 5.83 -20.95
CA HIS B 218 -15.54 6.25 -21.56
C HIS B 218 -14.67 5.05 -21.90
N ILE B 219 -14.44 4.15 -20.95
CA ILE B 219 -13.53 3.04 -21.22
C ILE B 219 -14.18 1.93 -22.04
N ALA B 220 -15.51 1.96 -22.24
CA ALA B 220 -16.10 1.11 -23.26
C ALA B 220 -15.70 1.58 -24.65
N ARG B 221 -15.60 2.91 -24.82
CA ARG B 221 -15.26 3.46 -26.12
C ARG B 221 -13.76 3.41 -26.41
N THR B 222 -12.91 3.54 -25.39
CA THR B 222 -11.48 3.59 -25.63
C THR B 222 -10.80 2.22 -25.57
N VAL B 223 -11.54 1.16 -25.24
CA VAL B 223 -11.03 -0.21 -25.37
C VAL B 223 -11.38 -0.68 -26.78
N VAL B 224 -10.36 -1.00 -27.59
CA VAL B 224 -10.54 -1.35 -28.99
C VAL B 224 -9.78 -2.63 -29.31
N GLU B 225 -10.31 -3.42 -30.25
CA GLU B 225 -9.68 -4.69 -30.65
C GLU B 225 -9.33 -4.68 -32.13
N ASP B 226 -8.40 -5.57 -32.51
CA ASP B 226 -8.02 -5.75 -33.90
C ASP B 226 -8.91 -6.81 -34.56
N GLU B 227 -8.57 -7.15 -35.81
CA GLU B 227 -9.36 -8.13 -36.57
C GLU B 227 -9.51 -9.44 -35.81
N ASN B 228 -8.42 -9.92 -35.20
CA ASN B 228 -8.44 -11.14 -34.41
C ASN B 228 -9.08 -10.96 -33.04
N GLY B 229 -9.69 -9.80 -32.78
CA GLY B 229 -10.27 -9.55 -31.48
C GLY B 229 -9.27 -9.34 -30.37
N GLU B 230 -8.01 -9.08 -30.70
CA GLU B 230 -6.99 -8.79 -29.69
C GLU B 230 -7.00 -7.30 -29.35
N GLU B 231 -6.81 -6.99 -28.07
CA GLU B 231 -6.86 -5.59 -27.64
C GLU B 231 -5.68 -4.81 -28.19
N MET B 232 -5.94 -3.58 -28.60
CA MET B 232 -4.90 -2.69 -29.08
C MET B 232 -4.69 -1.58 -28.04
N GLU B 233 -3.43 -1.29 -27.74
CA GLU B 233 -3.10 -0.39 -26.65
C GLU B 233 -2.29 0.83 -27.11
N ILE B 234 -2.31 1.86 -26.26
CA ILE B 234 -1.45 3.03 -26.39
C ILE B 234 -0.79 3.30 -25.04
N LEU B 235 0.25 4.13 -25.08
CA LEU B 235 1.01 4.52 -23.89
C LEU B 235 0.67 5.97 -23.58
N ARG B 236 -0.18 6.18 -22.58
CA ARG B 236 -0.59 7.54 -22.24
C ARG B 236 0.37 8.18 -21.25
N HIS B 237 0.55 9.49 -21.41
CA HIS B 237 1.36 10.30 -20.51
C HIS B 237 0.61 11.57 -20.06
N SER B 238 -0.72 11.54 -20.13
CA SER B 238 -1.55 12.69 -19.83
C SER B 238 -1.31 13.22 -18.42
N LEU B 239 -1.47 14.54 -18.24
CA LEU B 239 -1.31 15.19 -16.92
C LEU B 239 -2.31 16.34 -16.76
N PRO B 240 -2.88 16.49 -15.56
CA PRO B 240 -3.80 17.60 -15.30
C PRO B 240 -3.09 18.95 -15.43
N TYR B 241 -3.91 19.98 -15.62
CA TYR B 241 -3.44 21.36 -15.61
C TYR B 241 -4.61 22.21 -15.15
N GLY B 242 -4.33 23.45 -14.79
CA GLY B 242 -5.42 24.37 -14.53
C GLY B 242 -5.03 25.67 -13.87
N ASP B 243 -5.91 26.65 -14.00
CA ASP B 243 -5.86 27.87 -13.21
C ASP B 243 -7.24 28.13 -12.66
N GLY B 244 -7.31 28.63 -11.42
CA GLY B 244 -8.61 28.94 -10.84
C GLY B 244 -9.40 29.92 -11.69
N LYS B 245 -8.71 30.83 -12.37
CA LYS B 245 -9.39 31.89 -13.10
C LYS B 245 -9.98 31.46 -14.44
N GLY B 246 -9.57 30.30 -14.98
CA GLY B 246 -9.93 29.94 -16.35
C GLY B 246 -9.96 28.44 -16.57
N ASP B 247 -9.46 28.01 -17.72
CA ASP B 247 -9.49 26.60 -18.11
C ASP B 247 -8.83 25.71 -17.07
N GLN B 248 -9.44 24.54 -16.84
CA GLN B 248 -8.87 23.51 -16.01
C GLN B 248 -9.20 22.20 -16.70
N GLY B 249 -8.28 21.25 -16.71
CA GLY B 249 -8.59 20.04 -17.43
C GLY B 249 -7.47 19.01 -17.46
N LEU B 250 -7.37 18.29 -18.57
CA LEU B 250 -6.37 17.27 -18.74
C LEU B 250 -5.62 17.57 -20.03
N PHE B 251 -4.31 17.55 -19.97
CA PHE B 251 -3.53 17.59 -21.21
C PHE B 251 -3.34 16.13 -21.63
N PHE B 252 -4.08 15.70 -22.64
CA PHE B 252 -3.98 14.33 -23.07
C PHE B 252 -2.79 14.15 -24.01
N ILE B 253 -2.00 13.11 -23.76
CA ILE B 253 -0.92 12.77 -24.68
C ILE B 253 -0.76 11.26 -24.67
N ALA B 254 -0.53 10.70 -25.85
CA ALA B 254 -0.28 9.28 -25.98
C ALA B 254 0.86 9.06 -26.96
N TYR B 255 1.64 8.02 -26.68
CA TYR B 255 2.70 7.55 -27.54
C TYR B 255 2.25 6.21 -28.12
N THR B 256 2.43 6.02 -29.43
CA THR B 256 1.97 4.79 -30.06
C THR B 256 2.83 4.42 -31.26
N LYS B 257 2.91 3.13 -31.53
CA LYS B 257 3.58 2.72 -32.75
C LYS B 257 2.63 2.63 -33.94
N ASP B 258 1.34 3.00 -33.77
CA ASP B 258 0.38 2.91 -34.89
C ASP B 258 -0.74 3.92 -34.66
N LEU B 259 -0.72 5.01 -35.41
CA LEU B 259 -1.71 6.07 -35.26
C LEU B 259 -3.12 5.58 -35.62
N ASN B 260 -3.22 4.48 -36.35
CA ASN B 260 -4.53 3.93 -36.68
C ASN B 260 -5.27 3.52 -35.41
N ILE B 261 -4.54 3.13 -34.36
CA ILE B 261 -5.20 2.80 -33.10
C ILE B 261 -5.87 4.04 -32.51
N ILE B 262 -5.17 5.17 -32.53
CA ILE B 262 -5.74 6.39 -31.95
C ILE B 262 -6.92 6.87 -32.80
N ASP B 263 -6.79 6.79 -34.14
CA ASP B 263 -7.92 7.12 -35.03
C ASP B 263 -9.19 6.38 -34.58
N LEU B 264 -9.06 5.07 -34.34
CA LEU B 264 -10.21 4.26 -33.99
C LEU B 264 -10.81 4.69 -32.66
N MET B 265 -9.96 4.91 -31.64
CA MET B 265 -10.50 5.38 -30.37
C MET B 265 -11.21 6.73 -30.52
N LEU B 266 -10.61 7.66 -31.27
CA LEU B 266 -11.25 8.96 -31.48
C LEU B 266 -12.56 8.82 -32.24
N ASN B 267 -12.58 7.97 -33.27
CA ASN B 267 -13.83 7.70 -33.97
C ASN B 267 -14.91 7.23 -33.00
N ARG B 268 -14.57 6.29 -32.12
CA ARG B 268 -15.55 5.73 -31.21
C ARG B 268 -15.97 6.74 -30.14
N MET B 269 -15.04 7.58 -29.67
CA MET B 269 -15.42 8.58 -28.68
C MET B 269 -16.36 9.62 -29.28
N PHE B 270 -15.99 10.19 -30.43
CA PHE B 270 -16.72 11.37 -30.92
C PHE B 270 -17.94 11.01 -31.77
N GLY B 271 -18.11 9.74 -32.14
CA GLY B 271 -19.31 9.30 -32.82
C GLY B 271 -19.18 9.24 -34.34
N THR B 272 -18.00 8.85 -34.85
CA THR B 272 -17.84 8.64 -36.28
C THR B 272 -17.43 7.20 -36.62
N SER B 273 -17.60 6.26 -35.69
CA SER B 273 -17.14 4.90 -35.87
C SER B 273 -18.10 4.06 -36.69
N GLY B 274 -19.33 4.52 -36.87
CA GLY B 274 -20.33 3.79 -37.61
C GLY B 274 -21.37 3.10 -36.76
N ASP B 275 -21.12 2.91 -35.46
CA ASP B 275 -22.04 2.14 -34.63
C ASP B 275 -23.07 3.02 -33.92
N GLY B 276 -23.13 4.31 -34.22
CA GLY B 276 -24.15 5.18 -33.67
C GLY B 276 -23.91 5.64 -32.25
N ILE B 277 -22.77 5.28 -31.67
CA ILE B 277 -22.49 5.52 -30.25
C ILE B 277 -21.39 6.56 -30.11
N HIS B 278 -21.48 7.36 -29.05
CA HIS B 278 -20.42 8.29 -28.68
C HIS B 278 -20.15 8.18 -27.18
N ASP B 279 -18.97 8.68 -26.79
CA ASP B 279 -18.52 8.65 -25.40
C ASP B 279 -19.29 9.66 -24.56
N ARG B 280 -20.03 9.18 -23.53
CA ARG B 280 -20.80 10.11 -22.71
C ARG B 280 -19.92 11.13 -21.98
N LEU B 281 -18.63 10.81 -21.76
CA LEU B 281 -17.75 11.77 -21.09
C LEU B 281 -17.60 13.05 -21.89
N LEU B 282 -17.83 13.00 -23.21
CA LEU B 282 -17.68 14.18 -24.04
C LEU B 282 -18.77 15.22 -23.81
N HIS B 283 -19.77 14.90 -22.99
CA HIS B 283 -20.73 15.91 -22.52
C HIS B 283 -20.15 16.82 -21.44
N PHE B 284 -18.94 16.53 -20.94
CA PHE B 284 -18.37 17.25 -19.81
C PHE B 284 -16.95 17.74 -20.04
N VAL B 285 -16.33 17.42 -21.18
CA VAL B 285 -14.98 17.85 -21.49
C VAL B 285 -14.94 18.23 -22.96
N THR B 286 -14.04 19.16 -23.30
CA THR B 286 -13.97 19.71 -24.63
C THR B 286 -12.52 19.71 -25.13
N PRO B 287 -12.22 19.10 -26.27
CA PRO B 287 -10.87 19.24 -26.83
C PRO B 287 -10.70 20.60 -27.49
N LEU B 288 -9.55 21.24 -27.23
CA LEU B 288 -9.32 22.58 -27.74
C LEU B 288 -8.20 22.67 -28.77
N ASP B 289 -7.45 21.59 -29.00
CA ASP B 289 -6.44 21.57 -30.04
C ASP B 289 -6.24 20.12 -30.46
N GLY B 290 -5.12 19.81 -31.10
CA GLY B 290 -4.88 18.43 -31.45
C GLY B 290 -4.01 18.24 -32.68
N ALA B 291 -3.08 17.29 -32.62
CA ALA B 291 -2.21 17.02 -33.76
C ALA B 291 -1.48 15.70 -33.54
N TYR B 292 -0.88 15.20 -34.63
CA TYR B 292 -0.04 14.01 -34.62
C TYR B 292 1.40 14.43 -34.92
N TYR B 293 2.37 13.76 -34.28
CA TYR B 293 3.78 14.06 -34.48
C TYR B 293 4.58 12.77 -34.53
N PHE B 294 5.82 12.85 -35.03
CA PHE B 294 6.77 11.75 -34.95
C PHE B 294 7.94 12.14 -34.05
N ALA B 295 8.17 11.34 -33.00
CA ALA B 295 9.33 11.46 -32.13
C ALA B 295 10.37 10.45 -32.58
N PRO B 296 11.49 10.87 -33.18
CA PRO B 296 12.51 9.89 -33.57
C PRO B 296 13.19 9.29 -32.35
N SER B 297 13.92 8.20 -32.58
CA SER B 297 14.83 7.72 -31.56
C SER B 297 15.88 8.78 -31.24
N ALA B 298 16.55 8.60 -30.10
CA ALA B 298 17.62 9.53 -29.74
C ALA B 298 18.75 9.50 -30.77
N GLU B 299 19.02 8.34 -31.36
CA GLU B 299 20.08 8.23 -32.37
C GLU B 299 19.69 8.93 -33.66
N LEU B 300 18.45 8.75 -34.11
CA LEU B 300 18.03 9.40 -35.33
C LEU B 300 17.92 10.90 -35.13
N LEU B 301 17.51 11.34 -33.93
CA LEU B 301 17.49 12.77 -33.63
C LEU B 301 18.90 13.35 -33.69
N GLU B 302 19.88 12.60 -33.19
CA GLU B 302 21.27 13.06 -33.23
C GLU B 302 21.76 13.17 -34.67
N VAL B 303 21.41 12.19 -35.51
CA VAL B 303 21.76 12.29 -36.93
C VAL B 303 21.18 13.57 -37.53
N ILE B 304 19.92 13.88 -37.20
CA ILE B 304 19.31 15.06 -37.79
C ILE B 304 20.01 16.32 -37.30
N LEU B 305 20.32 16.40 -36.01
CA LEU B 305 20.97 17.60 -35.47
C LEU B 305 22.34 17.83 -36.08
N GLU B 306 23.06 16.76 -36.40
CA GLU B 306 24.42 16.87 -36.92
C GLU B 306 24.47 17.09 -38.42
N SER B 307 23.37 16.89 -39.12
CA SER B 307 23.33 16.99 -40.58
C SER B 307 23.51 18.44 -41.03
CA GLY C 2 10.41 -16.38 -17.83
C GLY C 2 10.51 -15.30 -16.75
N THR C 3 9.49 -15.18 -15.90
CA THR C 3 9.48 -14.14 -14.86
C THR C 3 9.15 -14.77 -13.52
N ALA C 4 10.02 -14.55 -12.54
CA ALA C 4 9.73 -14.99 -11.18
C ALA C 4 8.58 -14.18 -10.61
N GLN C 5 7.76 -14.81 -9.77
CA GLN C 5 6.76 -14.03 -9.07
C GLN C 5 7.45 -12.93 -8.27
N SER C 6 6.75 -11.79 -8.15
CA SER C 6 7.37 -10.49 -7.92
C SER C 6 8.06 -10.34 -6.56
N VAL C 7 7.70 -11.15 -5.56
CA VAL C 7 8.29 -10.97 -4.24
C VAL C 7 9.64 -11.66 -4.08
N ILE C 8 10.00 -12.59 -4.96
CA ILE C 8 11.13 -13.47 -4.69
C ILE C 8 12.46 -12.71 -4.74
N LEU C 9 12.75 -12.05 -5.87
CA LEU C 9 14.08 -11.50 -6.07
C LEU C 9 14.37 -10.18 -5.34
N PRO C 10 13.45 -9.21 -5.24
CA PRO C 10 13.82 -7.95 -4.60
C PRO C 10 14.21 -8.17 -3.14
N LEU C 11 15.05 -7.26 -2.63
CA LEU C 11 15.38 -7.25 -1.20
C LEU C 11 14.09 -7.08 -0.37
N PRO C 12 14.09 -7.54 0.88
CA PRO C 12 12.84 -7.53 1.66
C PRO C 12 12.32 -6.13 1.96
N SER C 13 10.99 -6.02 1.97
CA SER C 13 10.32 -4.80 2.37
C SER C 13 10.04 -4.82 3.88
N ASP C 14 9.51 -3.71 4.38
CA ASP C 14 9.32 -3.54 5.82
C ASP C 14 8.13 -4.31 6.39
N HIS C 15 7.14 -4.67 5.55
CA HIS C 15 5.89 -5.27 6.02
C HIS C 15 5.53 -6.49 5.18
N ALA C 16 4.92 -7.48 5.82
CA ALA C 16 4.52 -8.68 5.12
C ALA C 16 3.29 -9.31 5.78
N ARG C 17 2.62 -10.16 5.00
CA ARG C 17 1.63 -11.10 5.51
C ARG C 17 1.91 -12.44 4.88
N PHE C 18 1.91 -13.49 5.69
CA PHE C 18 2.12 -14.86 5.22
C PHE C 18 0.87 -15.68 5.50
N ILE C 19 0.31 -16.30 4.48
CA ILE C 19 -0.96 -17.01 4.57
C ILE C 19 -0.74 -18.46 4.16
N SER C 20 -1.19 -19.38 5.00
CA SER C 20 -1.32 -20.79 4.64
C SER C 20 -2.77 -21.21 4.83
N LEU C 21 -3.32 -21.94 3.85
CA LEU C 21 -4.72 -22.31 3.95
C LEU C 21 -4.95 -23.65 3.28
N ARG C 22 -6.09 -24.25 3.61
CA ARG C 22 -6.61 -25.45 2.96
C ARG C 22 -7.93 -25.10 2.30
N LEU C 23 -8.21 -25.71 1.14
CA LEU C 23 -9.36 -25.28 0.35
C LEU C 23 -10.67 -25.52 1.08
N LYS C 24 -10.77 -26.63 1.82
CA LYS C 24 -12.02 -27.00 2.50
C LYS C 24 -13.18 -27.00 1.50
N ASP C 25 -14.08 -26.04 1.59
CA ASP C 25 -15.23 -26.00 0.69
C ASP C 25 -15.00 -25.20 -0.59
N LEU C 26 -13.86 -24.52 -0.74
CA LEU C 26 -13.59 -23.71 -1.92
C LEU C 26 -13.25 -24.60 -3.11
N SER C 27 -13.89 -24.33 -4.25
CA SER C 27 -13.61 -25.10 -5.45
C SER C 27 -12.38 -24.55 -6.16
N VAL C 28 -11.77 -25.39 -6.99
CA VAL C 28 -10.60 -24.98 -7.76
C VAL C 28 -10.95 -23.76 -8.63
N ALA C 29 -12.13 -23.75 -9.22
CA ALA C 29 -12.55 -22.60 -10.01
C ALA C 29 -12.60 -21.34 -9.15
N GLU C 30 -13.16 -21.46 -7.95
CA GLU C 30 -13.24 -20.32 -7.03
C GLU C 30 -11.84 -19.85 -6.62
N LEU C 31 -10.91 -20.79 -6.42
CA LEU C 31 -9.55 -20.42 -6.06
C LEU C 31 -8.90 -19.58 -7.15
N LYS C 32 -9.01 -20.02 -8.41
CA LYS C 32 -8.47 -19.23 -9.52
C LYS C 32 -9.09 -17.84 -9.57
N LYS C 33 -10.41 -17.76 -9.32
CA LYS C 33 -11.06 -16.46 -9.29
C LYS C 33 -10.44 -15.54 -8.26
N HIS C 34 -10.15 -16.06 -7.07
CA HIS C 34 -9.71 -15.20 -5.97
C HIS C 34 -8.22 -14.89 -6.04
N ILE C 35 -7.41 -15.77 -6.63
CA ILE C 35 -6.06 -15.35 -7.01
C ILE C 35 -6.14 -14.19 -7.99
N ALA C 36 -7.04 -14.28 -8.98
CA ALA C 36 -7.17 -13.21 -9.95
C ALA C 36 -7.62 -11.91 -9.30
N LEU C 37 -8.51 -12.01 -8.31
CA LEU C 37 -8.91 -10.82 -7.56
C LEU C 37 -7.73 -10.23 -6.79
N LEU C 38 -6.91 -11.08 -6.18
CA LEU C 38 -5.68 -10.59 -5.53
C LEU C 38 -4.79 -9.90 -6.56
N HIS C 39 -4.56 -10.55 -7.71
CA HIS C 39 -3.73 -9.97 -8.76
C HIS C 39 -4.30 -8.65 -9.25
N SER C 40 -5.63 -8.57 -9.33
CA SER C 40 -6.29 -7.36 -9.80
C SER C 40 -6.08 -6.19 -8.85
N THR C 41 -6.23 -6.43 -7.54
CA THR C 41 -5.96 -5.38 -6.57
C THR C 41 -4.46 -5.07 -6.52
N ARG C 42 -3.61 -6.10 -6.55
CA ARG C 42 -2.17 -5.89 -6.70
C ARG C 42 -1.86 -4.94 -7.86
N ASP C 43 -2.32 -5.29 -9.06
CA ASP C 43 -2.01 -4.48 -10.24
C ASP C 43 -2.52 -3.05 -10.09
N ARG C 44 -3.76 -2.90 -9.60
CA ARG C 44 -4.35 -1.57 -9.48
C ARG C 44 -3.55 -0.71 -8.50
N LEU C 45 -3.15 -1.27 -7.36
CA LEU C 45 -2.39 -0.50 -6.39
C LEU C 45 -0.96 -0.21 -6.87
N ILE C 46 -0.36 -1.10 -7.66
CA ILE C 46 0.96 -0.79 -8.23
C ILE C 46 0.87 0.47 -9.07
N THR C 47 -0.14 0.56 -9.93
CA THR C 47 -0.31 1.75 -10.76
C THR C 47 -0.39 3.01 -9.90
N GLN C 48 -1.09 2.94 -8.76
CA GLN C 48 -1.28 4.10 -7.90
C GLN C 48 -0.08 4.34 -6.97
N HIS C 49 0.71 3.32 -6.66
CA HIS C 49 1.80 3.44 -5.68
C HIS C 49 3.04 2.72 -6.21
N PRO C 50 3.63 3.21 -7.31
CA PRO C 50 4.73 2.46 -7.93
C PRO C 50 5.98 2.33 -7.08
N ALA C 51 6.13 3.14 -6.04
CA ALA C 51 7.27 3.07 -5.14
C ALA C 51 6.98 2.29 -3.85
N ALA C 52 5.80 1.69 -3.71
CA ALA C 52 5.43 1.01 -2.46
C ALA C 52 5.88 -0.44 -2.43
N GLN C 53 6.68 -0.88 -3.40
CA GLN C 53 7.26 -2.22 -3.37
C GLN C 53 6.19 -3.30 -3.22
N ILE C 54 5.11 -3.17 -3.98
CA ILE C 54 3.97 -4.09 -3.85
C ILE C 54 4.33 -5.40 -4.53
N LYS C 55 4.46 -6.47 -3.75
CA LYS C 55 4.95 -7.74 -4.23
C LYS C 55 4.16 -8.88 -3.62
N ALA C 56 4.14 -10.03 -4.32
CA ALA C 56 3.52 -11.22 -3.76
C ALA C 56 4.05 -12.45 -4.48
N ALA C 57 3.88 -13.59 -3.82
CA ALA C 57 3.92 -14.88 -4.50
C ALA C 57 2.76 -15.73 -4.02
N VAL C 58 2.19 -16.51 -4.94
CA VAL C 58 1.19 -17.52 -4.64
C VAL C 58 1.79 -18.87 -4.98
N ALA C 59 1.66 -19.82 -4.06
CA ALA C 59 2.30 -21.12 -4.21
C ALA C 59 1.31 -22.20 -3.80
N PHE C 60 1.57 -23.45 -4.22
CA PHE C 60 0.62 -24.53 -4.05
C PHE C 60 1.26 -25.76 -3.45
N GLY C 61 0.49 -26.47 -2.62
CA GLY C 61 0.94 -27.72 -2.04
C GLY C 61 1.01 -28.82 -3.08
N PRO C 62 1.77 -29.88 -2.78
CA PRO C 62 1.91 -30.96 -3.77
C PRO C 62 0.62 -31.70 -4.03
N GLU C 63 -0.25 -31.80 -3.03
CA GLU C 63 -1.51 -32.50 -3.19
C GLU C 63 -2.45 -31.77 -4.15
N ILE C 64 -2.54 -30.44 -4.04
CA ILE C 64 -3.45 -29.69 -4.88
C ILE C 64 -2.85 -29.32 -6.23
N TRP C 65 -1.53 -29.35 -6.38
CA TRP C 65 -0.92 -28.86 -7.61
C TRP C 65 -1.38 -29.67 -8.82
N LEU C 66 -1.50 -30.99 -8.66
CA LEU C 66 -1.93 -31.83 -9.78
C LEU C 66 -3.36 -31.56 -10.19
N GLN C 67 -4.19 -31.00 -9.31
CA GLN C 67 -5.53 -30.58 -9.70
C GLN C 67 -5.55 -29.25 -10.43
N LEU C 68 -4.45 -28.50 -10.40
CA LEU C 68 -4.31 -27.22 -11.09
C LEU C 68 -3.51 -27.32 -12.38
N TYR C 69 -2.51 -28.20 -12.41
CA TYR C 69 -1.66 -28.41 -13.57
C TYR C 69 -1.39 -29.91 -13.65
N LYS C 70 -1.29 -30.43 -14.86
CA LYS C 70 -1.28 -31.87 -15.01
C LYS C 70 0.11 -32.48 -14.84
N GLU C 71 1.17 -31.67 -14.80
CA GLU C 71 2.53 -32.16 -14.62
C GLU C 71 3.10 -31.65 -13.31
N MET C 72 3.89 -32.49 -12.68
CA MET C 72 4.52 -32.20 -11.41
C MET C 72 5.93 -31.69 -11.64
N PRO C 73 6.33 -30.54 -11.10
CA PRO C 73 7.74 -30.15 -11.18
C PRO C 73 8.60 -31.22 -10.53
N SER C 74 9.84 -31.31 -10.99
CA SER C 74 10.73 -32.39 -10.56
C SER C 74 11.19 -32.14 -9.14
N GLY C 75 11.22 -33.20 -8.33
CA GLY C 75 11.64 -33.09 -6.95
C GLY C 75 10.61 -32.53 -6.01
N PHE C 76 9.36 -32.35 -6.45
CA PHE C 76 8.30 -31.83 -5.60
C PHE C 76 7.72 -32.93 -4.73
N LYS C 77 7.74 -32.72 -3.42
CA LYS C 77 7.19 -33.64 -2.44
C LYS C 77 6.81 -32.82 -1.21
N GLN C 78 6.03 -33.42 -0.31
CA GLN C 78 5.71 -32.73 0.92
C GLN C 78 6.89 -32.82 1.88
N LEU C 79 7.01 -31.80 2.74
CA LEU C 79 7.99 -31.81 3.82
C LEU C 79 7.83 -33.08 4.66
N ALA C 80 8.99 -33.68 5.06
CA ALA C 80 8.91 -34.91 5.83
C ALA C 80 9.11 -34.64 7.31
N PRO C 81 8.48 -35.40 8.21
CA PRO C 81 8.65 -35.12 9.64
C PRO C 81 10.07 -35.44 10.07
N GLN C 82 10.52 -34.74 11.10
CA GLN C 82 11.82 -34.99 11.72
C GLN C 82 11.62 -35.82 12.97
N GLN C 83 12.19 -37.02 12.99
CA GLN C 83 12.30 -37.80 14.21
C GLN C 83 13.70 -37.59 14.78
N GLY C 84 13.94 -36.36 15.24
CA GLY C 84 15.23 -35.95 15.72
C GLY C 84 15.26 -35.71 17.21
N THR C 85 16.31 -34.98 17.64
CA THR C 85 16.43 -34.56 19.03
C THR C 85 15.25 -33.71 19.46
N PHE C 86 14.85 -32.77 18.62
CA PHE C 86 13.59 -32.08 18.74
C PHE C 86 12.71 -32.54 17.60
N GLN C 87 11.40 -32.41 17.80
CA GLN C 87 10.49 -32.77 16.75
C GLN C 87 10.13 -31.54 15.95
N MET C 88 9.89 -31.77 14.67
CA MET C 88 9.41 -30.79 13.71
C MET C 88 8.07 -31.24 13.17
N PRO C 89 6.99 -30.50 13.41
CA PRO C 89 5.70 -30.88 12.82
C PRO C 89 5.67 -30.64 11.33
N VAL C 90 4.77 -31.35 10.66
CA VAL C 90 4.41 -31.08 9.28
C VAL C 90 2.92 -30.79 9.24
N VAL C 91 2.56 -29.62 8.74
CA VAL C 91 1.17 -29.23 8.60
C VAL C 91 0.91 -28.89 7.14
N PRO C 92 0.47 -29.85 6.33
CA PRO C 92 0.25 -29.57 4.90
C PRO C 92 -0.77 -28.47 4.68
N ALA C 93 -0.52 -27.68 3.63
CA ALA C 93 -1.47 -26.67 3.19
C ALA C 93 -1.55 -26.70 1.68
N ASP C 94 -2.73 -26.33 1.15
CA ASP C 94 -2.91 -26.31 -0.30
C ASP C 94 -2.39 -25.02 -0.92
N VAL C 95 -2.56 -23.88 -0.26
CA VAL C 95 -2.18 -22.59 -0.83
C VAL C 95 -1.34 -21.83 0.19
N PHE C 96 -0.23 -21.27 -0.27
CA PHE C 96 0.58 -20.34 0.50
C PHE C 96 0.64 -19.01 -0.24
N ILE C 97 0.52 -17.91 0.50
CA ILE C 97 0.53 -16.58 -0.08
C ILE C 97 1.50 -15.72 0.72
N HIS C 98 2.48 -15.14 0.02
CA HIS C 98 3.48 -14.24 0.57
C HIS C 98 3.16 -12.86 0.04
N ILE C 99 2.75 -11.95 0.92
CA ILE C 99 2.44 -10.58 0.56
C ILE C 99 3.47 -9.67 1.21
N ALA C 100 4.03 -8.74 0.44
CA ALA C 100 5.02 -7.81 0.95
C ALA C 100 4.82 -6.42 0.34
N SER C 101 5.18 -5.39 1.12
CA SER C 101 5.07 -4.00 0.69
C SER C 101 5.86 -3.12 1.64
N ALA C 102 6.20 -1.91 1.18
CA ALA C 102 6.69 -0.89 2.08
C ALA C 102 5.63 -0.43 3.07
N ARG C 103 4.37 -0.79 2.86
CA ARG C 103 3.27 -0.25 3.67
C ARG C 103 2.39 -1.37 4.20
N ALA C 104 2.05 -1.27 5.50
CA ALA C 104 1.21 -2.29 6.12
C ALA C 104 -0.21 -2.28 5.57
N ASP C 105 -0.73 -1.09 5.22
CA ASP C 105 -2.10 -1.04 4.73
C ASP C 105 -2.25 -1.77 3.41
N ILE C 106 -1.23 -1.67 2.54
CA ILE C 106 -1.30 -2.35 1.25
C ILE C 106 -1.21 -3.86 1.44
N CYS C 107 -0.38 -4.32 2.37
CA CYS C 107 -0.36 -5.74 2.68
C CYS C 107 -1.75 -6.23 3.08
N PHE C 108 -2.44 -5.45 3.91
CA PHE C 108 -3.80 -5.79 4.30
C PHE C 108 -4.73 -5.78 3.10
N ALA C 109 -4.59 -4.78 2.22
CA ALA C 109 -5.51 -4.68 1.09
C ALA C 109 -5.41 -5.89 0.15
N LEU C 110 -4.20 -6.43 -0.05
CA LEU C 110 -4.08 -7.60 -0.91
C LEU C 110 -4.71 -8.83 -0.25
N SER C 111 -4.53 -8.98 1.06
CA SER C 111 -5.16 -10.10 1.75
C SER C 111 -6.68 -9.97 1.71
N GLN C 112 -7.18 -8.77 2.02
CA GLN C 112 -8.61 -8.49 1.94
C GLN C 112 -9.17 -8.85 0.56
N ALA C 113 -8.44 -8.49 -0.50
CA ALA C 113 -8.88 -8.77 -1.86
C ALA C 113 -9.03 -10.27 -2.10
N PHE C 114 -8.06 -11.07 -1.64
CA PHE C 114 -8.15 -12.51 -1.84
C PHE C 114 -9.34 -13.10 -1.09
N PHE C 115 -9.58 -12.66 0.13
CA PHE C 115 -10.51 -13.34 1.04
C PHE C 115 -11.95 -12.88 0.93
N GLU C 116 -12.22 -11.77 0.24
CA GLU C 116 -13.55 -11.18 0.13
C GLU C 116 -14.60 -12.21 -0.28
N GLY C 117 -15.53 -12.53 0.61
CA GLY C 117 -16.60 -13.44 0.28
C GLY C 117 -16.29 -14.92 0.43
N ILE C 118 -15.06 -15.29 0.80
CA ILE C 118 -14.72 -16.70 0.96
C ILE C 118 -14.13 -17.01 2.33
N LYS C 119 -14.29 -16.10 3.30
CA LYS C 119 -13.65 -16.31 4.61
C LYS C 119 -14.13 -17.61 5.28
N ASP C 120 -15.38 -17.99 5.07
CA ASP C 120 -15.91 -19.19 5.71
C ASP C 120 -15.83 -20.42 4.80
N LYS C 121 -15.40 -20.28 3.55
CA LYS C 121 -15.27 -21.42 2.65
C LYS C 121 -13.92 -22.12 2.73
N VAL C 122 -12.87 -21.41 3.14
CA VAL C 122 -11.53 -21.97 3.24
C VAL C 122 -11.22 -22.22 4.70
N GLU C 123 -10.19 -23.02 4.95
CA GLU C 123 -9.66 -23.25 6.29
C GLU C 123 -8.31 -22.55 6.36
N VAL C 124 -8.27 -21.39 7.01
CA VAL C 124 -7.02 -20.66 7.11
C VAL C 124 -6.23 -21.20 8.29
N LEU C 125 -5.05 -21.75 8.01
CA LEU C 125 -4.18 -22.24 9.06
C LEU C 125 -3.54 -21.09 9.81
N ASP C 126 -3.07 -20.08 9.08
CA ASP C 126 -2.47 -18.91 9.69
C ASP C 126 -2.43 -17.78 8.67
N GLU C 127 -2.63 -16.56 9.17
CA GLU C 127 -2.34 -15.33 8.42
C GLU C 127 -1.46 -14.53 9.38
N ARG C 128 -0.15 -14.49 9.11
CA ARG C 128 0.80 -13.90 10.04
C ARG C 128 1.23 -12.51 9.55
N VAL C 129 0.96 -11.50 10.37
CA VAL C 129 1.48 -10.16 10.12
C VAL C 129 2.93 -10.09 10.60
N CYS C 130 3.83 -9.68 9.72
CA CYS C 130 5.24 -9.63 10.03
C CYS C 130 5.79 -8.23 9.75
N PHE C 131 6.92 -7.92 10.38
CA PHE C 131 7.57 -6.61 10.22
C PHE C 131 9.08 -6.77 10.34
N ARG C 132 9.81 -5.96 9.57
CA ARG C 132 11.23 -5.77 9.83
C ARG C 132 11.43 -5.22 11.24
N TYR C 133 12.37 -5.81 11.97
CA TYR C 133 12.56 -5.56 13.38
C TYR C 133 13.92 -4.86 13.55
N PHE C 134 13.86 -3.57 13.78
CA PHE C 134 15.04 -2.72 13.88
C PHE C 134 15.96 -2.96 12.67
N ASP C 135 17.26 -3.09 12.87
CA ASP C 135 18.17 -3.14 11.72
C ASP C 135 18.27 -4.58 11.19
N GLY C 136 17.13 -5.08 10.69
CA GLY C 136 17.06 -6.43 10.14
C GLY C 136 17.36 -7.54 11.13
N ARG C 137 16.93 -7.40 12.38
CA ARG C 137 17.24 -8.37 13.42
C ARG C 137 16.08 -9.33 13.66
N ASP C 138 16.42 -10.52 14.15
CA ASP C 138 15.46 -11.43 14.77
C ASP C 138 15.26 -10.97 16.22
N ILE C 139 14.16 -11.36 16.85
CA ILE C 139 13.89 -10.85 18.19
C ILE C 139 14.84 -11.40 19.25
N THR C 140 15.68 -12.38 18.91
CA THR C 140 16.81 -12.72 19.78
C THR C 140 17.78 -11.56 19.91
N GLY C 141 17.72 -10.58 19.01
CA GLY C 141 18.68 -9.49 18.97
C GLY C 141 19.77 -9.68 17.93
N PHE C 142 19.81 -10.83 17.27
CA PHE C 142 20.82 -11.13 16.26
C PHE C 142 20.31 -10.74 14.89
N ILE C 143 21.23 -10.21 14.07
CA ILE C 143 20.92 -9.88 12.68
C ILE C 143 20.60 -11.15 11.90
N ASP C 144 19.50 -11.12 11.14
CA ASP C 144 19.08 -12.22 10.28
C ASP C 144 19.27 -11.80 8.83
N GLY C 145 20.13 -12.52 8.11
CA GLY C 145 20.27 -12.33 6.66
C GLY C 145 21.69 -12.12 6.17
N THR C 146 22.67 -12.11 7.08
CA THR C 146 24.05 -11.71 6.72
C THR C 146 24.59 -12.52 5.55
N GLU C 147 24.36 -13.84 5.53
CA GLU C 147 24.88 -14.72 4.50
C GLU C 147 23.86 -15.08 3.44
N ASN C 148 22.67 -14.46 3.49
CA ASN C 148 21.70 -14.59 2.42
C ASN C 148 22.29 -14.07 1.11
N PRO C 149 22.01 -14.71 -0.02
CA PRO C 149 22.39 -14.13 -1.31
C PRO C 149 21.85 -12.71 -1.41
N GLN C 150 22.69 -11.81 -1.95
CA GLN C 150 22.44 -10.37 -1.91
C GLN C 150 22.33 -9.78 -3.31
N PHE C 151 23.23 -10.11 -4.21
CA PHE C 151 23.13 -9.63 -5.59
C PHE C 151 21.91 -10.23 -6.29
N ASN C 152 21.26 -9.43 -7.15
CA ASN C 152 20.11 -9.93 -7.89
C ASN C 152 20.41 -11.23 -8.62
N ASP C 153 21.54 -11.28 -9.31
CA ASP C 153 21.90 -12.47 -10.07
C ASP C 153 22.11 -13.69 -9.17
N ASP C 154 22.77 -13.50 -8.02
CA ASP C 154 22.93 -14.60 -7.06
C ASP C 154 21.60 -15.05 -6.51
N ARG C 155 20.72 -14.10 -6.18
CA ARG C 155 19.40 -14.47 -5.66
C ARG C 155 18.62 -15.29 -6.68
N ALA C 156 18.64 -14.88 -7.95
CA ALA C 156 17.94 -15.63 -8.98
C ALA C 156 18.54 -17.01 -9.20
N GLU C 157 19.88 -17.09 -9.19
CA GLU C 157 20.55 -18.39 -9.38
C GLU C 157 20.16 -19.38 -8.29
N VAL C 158 19.98 -18.88 -7.07
CA VAL C 158 19.75 -19.75 -5.92
C VAL C 158 18.29 -20.19 -5.83
N ALA C 159 17.37 -19.27 -6.10
CA ALA C 159 15.96 -19.51 -5.79
C ALA C 159 15.18 -20.15 -6.93
N LEU C 160 15.57 -19.92 -8.19
CA LEU C 160 14.70 -20.16 -9.34
C LEU C 160 15.11 -21.40 -10.12
N LEU C 161 14.11 -22.16 -10.55
CA LEU C 161 14.39 -23.28 -11.44
C LEU C 161 14.98 -22.75 -12.75
N PRO C 162 15.94 -23.46 -13.35
CA PRO C 162 16.63 -22.96 -14.54
C PRO C 162 15.82 -23.16 -15.82
N GLU C 163 16.38 -22.67 -16.93
CA GLU C 163 15.68 -22.71 -18.21
C GLU C 163 15.31 -24.13 -18.62
N ASP C 164 16.19 -25.10 -18.33
CA ASP C 164 15.93 -26.46 -18.78
C ASP C 164 14.76 -27.13 -18.05
N SER C 165 14.14 -26.44 -17.09
CA SER C 165 12.97 -27.00 -16.42
C SER C 165 11.69 -26.81 -17.22
N GLY C 166 11.78 -26.20 -18.40
CA GLY C 166 10.66 -26.08 -19.30
C GLY C 166 9.62 -25.08 -18.83
N VAL C 167 8.39 -25.55 -18.68
CA VAL C 167 7.34 -24.67 -18.16
C VAL C 167 7.65 -24.28 -16.72
N PHE C 168 8.40 -25.11 -16.00
CA PHE C 168 8.66 -24.86 -14.59
C PHE C 168 9.80 -23.88 -14.36
N ALA C 169 10.53 -23.50 -15.41
CA ALA C 169 11.55 -22.47 -15.30
C ALA C 169 11.00 -21.22 -14.65
N ASP C 170 11.84 -20.58 -13.84
CA ASP C 170 11.56 -19.36 -13.08
C ASP C 170 10.51 -19.57 -12.00
N GLY C 171 10.00 -20.78 -11.84
CA GLY C 171 9.32 -21.16 -10.63
C GLY C 171 10.32 -21.33 -9.51
N SER C 172 9.80 -21.62 -8.32
CA SER C 172 10.60 -21.73 -7.11
C SER C 172 9.83 -22.54 -6.09
N PHE C 173 10.56 -23.31 -5.28
CA PHE C 173 9.97 -24.07 -4.17
C PHE C 173 10.05 -23.27 -2.88
N ILE C 174 8.97 -23.27 -2.10
CA ILE C 174 8.89 -22.55 -0.84
C ILE C 174 8.88 -23.55 0.31
N PHE C 175 9.66 -23.24 1.35
CA PHE C 175 9.53 -23.88 2.66
C PHE C 175 9.12 -22.78 3.64
N ALA C 176 7.99 -22.96 4.31
CA ALA C 176 7.50 -21.98 5.28
C ALA C 176 7.24 -22.65 6.62
N GLN C 177 7.74 -22.02 7.68
CA GLN C 177 7.66 -22.59 9.02
C GLN C 177 7.70 -21.47 10.05
N ARG C 178 6.66 -21.37 10.86
CA ARG C 178 6.59 -20.35 11.92
C ARG C 178 7.26 -20.86 13.18
N TYR C 179 8.10 -20.01 13.79
CA TYR C 179 8.78 -20.34 15.03
C TYR C 179 8.30 -19.41 16.15
N ALA C 180 8.10 -19.98 17.34
CA ALA C 180 7.88 -19.21 18.55
C ALA C 180 9.14 -19.28 19.41
N HIS C 181 9.57 -18.13 19.94
CA HIS C 181 10.79 -18.01 20.72
C HIS C 181 10.48 -18.05 22.21
N ASP C 182 11.39 -18.64 22.98
CA ASP C 182 11.33 -18.56 24.44
C ASP C 182 12.34 -17.49 24.86
N LEU C 183 11.90 -16.23 24.79
CA LEU C 183 12.79 -15.13 25.10
C LEU C 183 13.13 -15.10 26.59
N GLU C 184 12.23 -15.58 27.45
CA GLU C 184 12.55 -15.65 28.87
C GLU C 184 13.81 -16.48 29.10
N LYS C 185 13.86 -17.67 28.50
CA LYS C 185 15.03 -18.55 28.58
C LYS C 185 16.24 -17.91 27.91
N TRP C 186 16.04 -17.37 26.70
CA TRP C 186 17.14 -16.77 25.93
C TRP C 186 17.81 -15.63 26.68
N LYS C 187 17.03 -14.75 27.31
CA LYS C 187 17.59 -13.55 27.92
C LYS C 187 18.34 -13.85 29.21
N ARG C 188 18.22 -15.06 29.75
CA ARG C 188 18.97 -15.45 30.92
C ARG C 188 20.42 -15.83 30.58
N LEU C 189 20.74 -15.98 29.29
CA LEU C 189 22.10 -16.29 28.86
C LEU C 189 22.98 -15.04 28.87
N LYS C 190 24.28 -15.23 29.12
CA LYS C 190 25.24 -14.19 28.79
C LYS C 190 25.30 -13.99 27.28
N VAL C 191 25.68 -12.79 26.87
CA VAL C 191 25.74 -12.49 25.44
C VAL C 191 26.80 -13.36 24.76
N ASP C 192 27.91 -13.60 25.45
CA ASP C 192 28.96 -14.46 24.93
C ASP C 192 28.43 -15.86 24.61
N THR C 193 27.53 -16.38 25.46
CA THR C 193 26.92 -17.68 25.21
C THR C 193 25.97 -17.62 24.02
N GLN C 194 25.15 -16.56 23.92
CA GLN C 194 24.26 -16.44 22.77
C GLN C 194 25.06 -16.42 21.48
N GLU C 195 26.23 -15.79 21.49
CA GLU C 195 27.09 -15.78 20.30
C GLU C 195 27.62 -17.19 20.00
N GLN C 196 27.92 -17.97 21.04
CA GLN C 196 28.28 -19.38 20.86
C GLN C 196 27.15 -20.15 20.18
N ILE C 197 25.91 -19.83 20.53
CA ILE C 197 24.76 -20.58 20.03
C ILE C 197 24.48 -20.24 18.58
N MET C 198 24.60 -18.95 18.19
CA MET C 198 24.33 -18.60 16.81
C MET C 198 25.53 -18.79 15.89
N GLY C 199 26.73 -18.47 16.37
CA GLY C 199 27.93 -18.57 15.57
C GLY C 199 28.38 -17.26 14.95
N ARG C 200 27.71 -16.15 15.26
CA ARG C 200 28.16 -14.82 14.87
C ARG C 200 28.04 -13.90 16.09
N THR C 201 28.72 -12.76 16.05
CA THR C 201 28.57 -11.83 17.18
C THR C 201 27.19 -11.18 17.14
N LYS C 202 26.72 -10.74 18.31
CA LYS C 202 25.37 -10.21 18.42
C LYS C 202 25.25 -8.81 17.81
N LEU C 203 26.09 -7.87 18.24
CA LEU C 203 25.93 -6.49 17.76
C LEU C 203 26.22 -6.41 16.26
N GLU C 204 27.32 -6.99 15.82
CA GLU C 204 27.83 -6.77 14.48
C GLU C 204 27.51 -7.88 13.49
N SER C 205 27.21 -9.10 13.96
CA SER C 205 27.06 -10.26 13.07
C SER C 205 28.39 -10.60 12.41
N ILE C 206 29.49 -10.42 13.12
CA ILE C 206 30.79 -10.91 12.64
C ILE C 206 30.84 -12.41 12.89
N GLU C 207 31.23 -13.19 11.88
CA GLU C 207 31.28 -14.64 12.05
C GLU C 207 32.35 -15.01 13.08
N LEU C 208 32.04 -15.97 13.95
CA LEU C 208 33.07 -16.43 14.90
C LEU C 208 34.13 -17.25 14.16
N ASP C 209 35.39 -17.10 14.57
CA ASP C 209 36.49 -17.92 14.05
C ASP C 209 36.19 -19.40 14.19
N ASN C 210 36.84 -20.21 13.34
CA ASN C 210 36.67 -21.65 13.38
C ASN C 210 37.05 -22.23 14.74
N GLU C 211 37.98 -21.59 15.45
CA GLU C 211 38.41 -22.07 16.76
C GLU C 211 37.36 -21.82 17.84
N VAL C 212 36.51 -20.81 17.65
CA VAL C 212 35.59 -20.36 18.67
C VAL C 212 34.18 -20.87 18.37
N LYS C 213 33.89 -21.12 17.09
CA LYS C 213 32.54 -21.51 16.70
C LYS C 213 32.27 -22.97 17.02
N PRO C 214 31.27 -23.28 17.83
CA PRO C 214 30.98 -24.69 18.13
C PRO C 214 30.36 -25.39 16.95
N GLU C 215 30.50 -26.72 16.94
CA GLU C 215 29.90 -27.51 15.87
C GLU C 215 28.38 -27.51 15.94
N ASN C 216 27.79 -27.17 17.09
CA ASN C 216 26.35 -27.12 17.21
C ASN C 216 25.79 -25.70 17.15
N ALA C 217 26.60 -24.72 16.74
CA ALA C 217 26.09 -23.38 16.49
C ALA C 217 25.13 -23.40 15.30
N HIS C 218 24.14 -22.50 15.34
CA HIS C 218 23.11 -22.49 14.32
C HIS C 218 23.71 -22.46 12.91
N ILE C 219 24.59 -21.50 12.63
CA ILE C 219 25.13 -21.40 11.28
C ILE C 219 26.20 -22.46 10.96
N ALA C 220 26.69 -23.19 11.97
CA ALA C 220 27.48 -24.37 11.66
C ALA C 220 26.59 -25.47 11.09
N ARG C 221 25.34 -25.53 11.54
CA ARG C 221 24.43 -26.56 11.07
C ARG C 221 23.76 -26.19 9.75
N THR C 222 23.46 -24.91 9.54
CA THR C 222 22.76 -24.50 8.33
C THR C 222 23.68 -24.22 7.14
N VAL C 223 25.00 -24.30 7.32
CA VAL C 223 25.94 -24.27 6.20
C VAL C 223 26.11 -25.71 5.72
N VAL C 224 25.76 -25.96 4.45
CA VAL C 224 25.80 -27.31 3.89
C VAL C 224 26.54 -27.27 2.56
N GLU C 225 27.16 -28.39 2.21
CA GLU C 225 27.95 -28.48 0.98
C GLU C 225 27.66 -29.80 0.28
N ASP C 226 27.85 -29.81 -1.05
CA ASP C 226 27.50 -30.98 -1.86
C ASP C 226 28.62 -32.02 -1.78
N GLU C 227 28.55 -33.02 -2.66
CA GLU C 227 29.58 -34.05 -2.69
C GLU C 227 30.94 -33.50 -3.10
N ASN C 228 30.98 -32.37 -3.81
CA ASN C 228 32.23 -31.75 -4.22
C ASN C 228 32.69 -30.66 -3.25
N GLY C 229 32.13 -30.63 -2.05
CA GLY C 229 32.53 -29.65 -1.05
C GLY C 229 32.12 -28.22 -1.34
N GLU C 230 31.24 -27.99 -2.31
CA GLU C 230 30.77 -26.66 -2.64
C GLU C 230 29.49 -26.35 -1.87
N GLU C 231 29.40 -25.14 -1.32
CA GLU C 231 28.27 -24.78 -0.47
C GLU C 231 26.98 -24.67 -1.29
N MET C 232 25.88 -25.12 -0.69
CA MET C 232 24.57 -25.02 -1.30
C MET C 232 23.79 -23.95 -0.55
N GLU C 233 23.06 -23.11 -1.27
CA GLU C 233 22.43 -21.96 -0.66
C GLU C 233 20.93 -21.99 -0.85
N ILE C 234 20.25 -21.19 -0.02
CA ILE C 234 18.82 -20.94 -0.15
C ILE C 234 18.61 -19.43 -0.05
N LEU C 235 17.44 -18.98 -0.50
CA LEU C 235 17.07 -17.56 -0.45
C LEU C 235 16.03 -17.37 0.65
N ARG C 236 16.44 -16.84 1.79
CA ARG C 236 15.50 -16.67 2.89
C ARG C 236 14.75 -15.35 2.75
N HIS C 237 13.50 -15.36 3.18
CA HIS C 237 12.71 -14.14 3.27
C HIS C 237 12.07 -14.01 4.64
N SER C 238 12.63 -14.68 5.66
CA SER C 238 12.03 -14.74 6.99
C SER C 238 11.83 -13.34 7.56
N LEU C 239 10.80 -13.19 8.41
CA LEU C 239 10.51 -11.88 9.04
C LEU C 239 9.97 -12.10 10.45
N PRO C 240 10.36 -11.25 11.41
CA PRO C 240 9.81 -11.34 12.76
C PRO C 240 8.31 -11.09 12.81
N TYR C 241 7.68 -11.60 13.87
CA TYR C 241 6.29 -11.29 14.19
C TYR C 241 6.16 -11.32 15.71
N GLY C 242 5.07 -10.78 16.20
CA GLY C 242 4.77 -10.99 17.61
C GLY C 242 3.72 -10.08 18.17
N ASP C 243 3.18 -10.47 19.31
CA ASP C 243 2.35 -9.59 20.14
C ASP C 243 2.90 -9.65 21.56
N GLY C 244 2.85 -8.52 22.25
CA GLY C 244 3.31 -8.51 23.63
C GLY C 244 2.60 -9.54 24.49
N LYS C 245 1.31 -9.76 24.24
CA LYS C 245 0.54 -10.61 25.15
C LYS C 245 0.84 -12.09 24.98
N GLY C 246 1.39 -12.50 23.84
CA GLY C 246 1.48 -13.90 23.53
C GLY C 246 2.70 -14.31 22.72
N ASP C 247 2.49 -15.12 21.70
CA ASP C 247 3.61 -15.65 20.92
C ASP C 247 4.39 -14.54 20.24
N GLN C 248 5.72 -14.70 20.23
CA GLN C 248 6.64 -13.83 19.50
C GLN C 248 7.72 -14.70 18.87
N GLY C 249 8.12 -14.37 17.64
CA GLY C 249 9.13 -15.19 17.00
C GLY C 249 9.55 -14.80 15.60
N LEU C 250 9.89 -15.80 14.79
CA LEU C 250 10.33 -15.58 13.42
C LEU C 250 9.42 -16.38 12.51
N PHE C 251 8.88 -15.74 11.48
CA PHE C 251 8.25 -16.52 10.42
C PHE C 251 9.33 -16.90 9.43
N PHE C 252 9.74 -18.16 9.46
CA PHE C 252 10.82 -18.60 8.58
C PHE C 252 10.25 -18.96 7.21
N ILE C 253 10.90 -18.49 6.15
CA ILE C 253 10.51 -18.86 4.80
C ILE C 253 11.74 -18.81 3.91
N ALA C 254 11.87 -19.81 3.05
CA ALA C 254 12.96 -19.87 2.09
C ALA C 254 12.42 -20.23 0.71
N TYR C 255 13.09 -19.70 -0.31
CA TYR C 255 12.83 -20.03 -1.69
C TYR C 255 14.05 -20.77 -2.20
N THR C 256 13.84 -21.85 -2.96
CA THR C 256 14.95 -22.66 -3.40
C THR C 256 14.62 -23.36 -4.71
N LYS C 257 15.65 -23.61 -5.51
CA LYS C 257 15.44 -24.41 -6.70
C LYS C 257 15.61 -25.90 -6.42
N ASP C 258 15.89 -26.29 -5.18
CA ASP C 258 16.13 -27.71 -4.86
C ASP C 258 15.74 -27.94 -3.40
N LEU C 259 14.56 -28.53 -3.19
CA LEU C 259 14.11 -28.81 -1.82
C LEU C 259 15.04 -29.77 -1.08
N ASN C 260 15.85 -30.55 -1.79
CA ASN C 260 16.82 -31.42 -1.11
C ASN C 260 17.79 -30.63 -0.24
N ILE C 261 18.10 -29.39 -0.63
CA ILE C 261 18.98 -28.55 0.21
C ILE C 261 18.32 -28.28 1.55
N ILE C 262 17.02 -27.97 1.55
CA ILE C 262 16.36 -27.68 2.81
C ILE C 262 16.21 -28.96 3.63
N ASP C 263 15.95 -30.10 2.98
CA ASP C 263 15.94 -31.37 3.71
C ASP C 263 17.25 -31.53 4.50
N LEU C 264 18.37 -31.29 3.83
CA LEU C 264 19.66 -31.50 4.49
C LEU C 264 19.85 -30.53 5.65
N MET C 265 19.47 -29.26 5.46
CA MET C 265 19.67 -28.31 6.55
C MET C 265 18.80 -28.71 7.75
N LEU C 266 17.55 -29.12 7.49
CA LEU C 266 16.67 -29.51 8.59
C LEU C 266 17.17 -30.77 9.28
N ASN C 267 17.67 -31.74 8.51
CA ASN C 267 18.27 -32.92 9.12
C ASN C 267 19.40 -32.53 10.07
N ARG C 268 20.29 -31.63 9.63
CA ARG C 268 21.41 -31.23 10.48
C ARG C 268 20.94 -30.43 11.68
N MET C 269 19.89 -29.64 11.50
CA MET C 269 19.33 -28.81 12.56
C MET C 269 18.71 -29.68 13.64
N PHE C 270 17.79 -30.57 13.25
CA PHE C 270 17.01 -31.34 14.21
C PHE C 270 17.69 -32.64 14.62
N GLY C 271 18.82 -32.96 14.03
CA GLY C 271 19.64 -34.04 14.53
C GLY C 271 19.42 -35.38 13.89
N THR C 272 19.09 -35.42 12.60
CA THR C 272 18.90 -36.67 11.88
C THR C 272 19.86 -36.80 10.70
N SER C 273 20.91 -35.98 10.64
CA SER C 273 21.80 -36.02 9.49
C SER C 273 22.79 -37.18 9.55
N GLY C 274 22.99 -37.77 10.72
CA GLY C 274 23.90 -38.89 10.85
C GLY C 274 25.15 -38.60 11.67
N ASP C 275 25.50 -37.32 11.89
CA ASP C 275 26.65 -37.08 12.75
C ASP C 275 26.26 -36.95 14.21
N GLY C 276 24.98 -37.11 14.54
CA GLY C 276 24.53 -37.06 15.92
C GLY C 276 24.49 -35.67 16.53
N ILE C 277 24.70 -34.63 15.74
CA ILE C 277 24.72 -33.25 16.24
C ILE C 277 23.39 -32.58 15.90
N HIS C 278 22.88 -31.77 16.82
CA HIS C 278 21.73 -30.93 16.52
C HIS C 278 22.07 -29.46 16.79
N ASP C 279 21.20 -28.59 16.31
CA ASP C 279 21.36 -27.13 16.44
C ASP C 279 21.00 -26.70 17.86
N ARG C 280 21.97 -26.14 18.58
CA ARG C 280 21.70 -25.68 19.94
C ARG C 280 20.60 -24.61 19.98
N LEU C 281 20.37 -23.88 18.89
CA LEU C 281 19.34 -22.84 18.90
C LEU C 281 17.96 -23.44 19.13
N LEU C 282 17.76 -24.72 18.78
CA LEU C 282 16.46 -25.34 18.97
C LEU C 282 16.10 -25.52 20.43
N HIS C 283 17.03 -25.25 21.36
CA HIS C 283 16.69 -25.22 22.78
C HIS C 283 15.92 -23.95 23.17
N PHE C 284 15.73 -23.03 22.23
CA PHE C 284 15.18 -21.71 22.56
C PHE C 284 14.07 -21.26 21.62
N VAL C 285 13.85 -21.97 20.51
CA VAL C 285 12.82 -21.66 19.53
C VAL C 285 12.12 -22.97 19.19
N THR C 286 10.86 -22.87 18.76
CA THR C 286 10.00 -24.03 18.49
C THR C 286 9.28 -23.87 17.17
N PRO C 287 9.39 -24.83 16.25
CA PRO C 287 8.56 -24.79 15.05
C PRO C 287 7.12 -25.13 15.41
N LEU C 288 6.16 -24.39 14.82
CA LEU C 288 4.75 -24.61 15.11
C LEU C 288 3.98 -25.20 13.94
N ASP C 289 4.57 -25.26 12.75
CA ASP C 289 3.92 -25.84 11.58
C ASP C 289 5.02 -26.17 10.57
N GLY C 290 4.66 -26.23 9.29
CA GLY C 290 5.67 -26.45 8.28
C GLY C 290 5.16 -27.17 7.06
N ALA C 291 5.55 -26.71 5.88
CA ALA C 291 5.11 -27.35 4.66
C ALA C 291 6.01 -26.89 3.50
N TYR C 292 5.96 -27.64 2.41
CA TYR C 292 6.61 -27.31 1.14
C TYR C 292 5.56 -26.95 0.12
N TYR C 293 5.91 -26.02 -0.78
CA TYR C 293 5.03 -25.56 -1.83
C TYR C 293 5.84 -25.32 -3.10
N PHE C 294 5.14 -25.18 -4.23
CA PHE C 294 5.75 -24.74 -5.48
C PHE C 294 5.13 -23.42 -5.92
N ALA C 295 5.98 -22.43 -6.19
CA ALA C 295 5.53 -21.15 -6.72
C ALA C 295 5.84 -21.12 -8.20
N PRO C 296 4.86 -21.17 -9.08
CA PRO C 296 5.14 -21.13 -10.53
C PRO C 296 5.67 -19.77 -10.94
N SER C 297 6.23 -19.70 -12.14
CA SER C 297 6.50 -18.41 -12.74
C SER C 297 5.20 -17.63 -12.89
N ALA C 298 5.32 -16.31 -13.05
CA ALA C 298 4.15 -15.48 -13.32
C ALA C 298 3.43 -15.92 -14.60
N GLU C 299 4.18 -16.37 -15.61
CA GLU C 299 3.59 -16.84 -16.85
C GLU C 299 2.79 -18.12 -16.62
N LEU C 300 3.40 -19.11 -15.97
CA LEU C 300 2.70 -20.37 -15.70
C LEU C 300 1.48 -20.13 -14.82
N LEU C 301 1.62 -19.29 -13.79
CA LEU C 301 0.47 -18.93 -12.96
C LEU C 301 -0.66 -18.37 -13.82
N GLU C 302 -0.32 -17.49 -14.76
CA GLU C 302 -1.33 -16.91 -15.63
C GLU C 302 -2.03 -18.00 -16.45
N VAL C 303 -1.26 -18.96 -16.96
CA VAL C 303 -1.87 -20.07 -17.70
C VAL C 303 -2.81 -20.84 -16.80
N ILE C 304 -2.40 -21.10 -15.56
CA ILE C 304 -3.27 -21.78 -14.61
C ILE C 304 -4.55 -20.97 -14.38
N LEU C 305 -4.41 -19.65 -14.22
CA LEU C 305 -5.57 -18.80 -13.99
C LEU C 305 -6.54 -18.78 -15.17
N GLU C 306 -6.00 -18.81 -16.39
CA GLU C 306 -6.83 -18.73 -17.59
C GLU C 306 -7.44 -20.08 -17.96
N SER C 307 -6.82 -21.18 -17.54
CA SER C 307 -7.28 -22.52 -17.89
C SER C 307 -8.67 -22.83 -17.37
CHA HEM D . -16.96 11.70 12.22
CHB HEM D . -16.61 7.13 10.64
CHC HEM D . -17.78 5.58 15.11
CHD HEM D . -17.75 10.16 16.78
C1A HEM D . -16.80 10.61 11.38
C2A HEM D . -16.57 10.66 9.96
C3A HEM D . -16.48 9.40 9.51
C4A HEM D . -16.64 8.51 10.65
CMA HEM D . -16.24 8.97 8.04
CAA HEM D . -16.46 11.93 9.09
CBA HEM D . -15.03 12.48 9.01
CGA HEM D . -14.63 13.13 10.32
O1A HEM D . -13.81 12.52 11.05
O2A HEM D . -15.11 14.25 10.64
C1B HEM D . -16.88 6.31 11.72
C2B HEM D . -16.88 4.86 11.69
C3B HEM D . -17.21 4.41 12.91
C4B HEM D . -17.43 5.57 13.78
CMB HEM D . -16.54 4.07 10.41
CAB HEM D . -17.33 2.96 13.44
CBB HEM D . -16.89 1.88 12.79
C1C HEM D . -17.88 6.68 15.95
C2C HEM D . -18.21 6.65 17.37
C3C HEM D . -18.20 7.93 17.83
C4C HEM D . -17.87 8.79 16.71
CMC HEM D . -18.50 5.34 18.15
CAC HEM D . -18.48 8.53 19.23
CBC HEM D . -19.10 7.92 20.26
C1D HEM D . -17.52 10.98 15.68
C2D HEM D . -17.43 12.42 15.70
C3D HEM D . -17.22 12.84 14.45
C4D HEM D . -17.16 11.68 13.59
CMD HEM D . -17.55 13.30 16.96
CAD HEM D . -17.06 14.29 13.98
CBD HEM D . -18.46 14.81 13.61
CGD HEM D . -18.37 16.30 13.30
O1D HEM D . -18.55 16.68 12.12
O2D HEM D . -18.14 17.10 14.25
NA HEM D . -16.84 9.30 11.76
NB HEM D . -17.22 6.71 13.01
NC HEM D . -17.67 8.00 15.60
ND HEM D . -17.35 10.56 14.37
FE HEM D . -17.39 8.61 13.65
CHA HEM E . -8.99 5.38 -19.61
CHB HEM E . -10.11 9.89 -18.19
CHC HEM E . -9.60 11.41 -22.81
CHD HEM E . -7.94 7.04 -24.07
C1A HEM E . -9.39 6.44 -18.83
C2A HEM E . -9.80 6.37 -17.44
C3A HEM E . -10.12 7.61 -17.04
C4A HEM E . -9.90 8.52 -18.16
CMA HEM E . -10.62 8.04 -15.63
CAA HEM E . -9.85 5.09 -16.58
CBA HEM E . -8.51 4.85 -15.90
CGA HEM E . -7.46 4.33 -16.86
O1A HEM E . -6.61 5.15 -17.29
O2A HEM E . -7.48 3.11 -17.20
C1B HEM E . -10.08 10.69 -19.33
C2B HEM E . -10.41 12.11 -19.38
C3B HEM E . -10.27 12.51 -20.65
C4B HEM E . -9.84 11.39 -21.45
CMB HEM E . -10.84 12.92 -18.14
CAB HEM E . -10.47 13.91 -21.28
CBB HEM E . -10.60 15.03 -20.58
C1C HEM E . -9.09 10.38 -23.57
C2C HEM E . -8.70 10.43 -24.96
C3C HEM E . -8.27 9.22 -25.31
C4C HEM E . -8.33 8.36 -24.15
CMC HEM E . -8.78 11.65 -25.92
CAC HEM E . -7.73 8.89 -26.71
CBC HEM E . -8.28 7.97 -27.48
C1D HEM E . -8.05 6.21 -22.97
C2D HEM E . -7.60 4.84 -22.89
C3D HEM E . -7.89 4.37 -21.67
C4D HEM E . -8.54 5.44 -20.92
CMD HEM E . -6.90 4.07 -24.03
CAD HEM E . -7.61 2.94 -21.14
CBD HEM E . -8.91 2.13 -21.25
CGD HEM E . -8.65 0.65 -21.04
O1D HEM E . -9.25 0.07 -20.09
O2D HEM E . -7.86 0.04 -21.83
NA HEM E . -9.47 7.77 -19.24
NB HEM E . -9.73 10.28 -20.61
NC HEM E . -8.85 9.10 -23.11
ND HEM E . -8.61 6.54 -21.75
FE HEM E . -9.21 8.39 -21.19
CHA HEM F . 21.57 -17.90 9.34
CHB HEM F . 18.50 -17.08 13.02
CHC HEM F . 15.82 -20.89 11.56
CHD HEM F . 18.66 -21.40 7.65
C1A HEM F . 21.00 -17.37 10.48
C2A HEM F . 21.57 -16.32 11.31
C3A HEM F . 20.72 -16.10 12.33
C4A HEM F . 19.59 -17.00 12.19
CMA HEM F . 20.86 -15.06 13.48
CAA HEM F . 22.92 -15.62 11.03
CBA HEM F . 22.79 -14.40 10.10
CGA HEM F . 22.58 -14.85 8.66
O1A HEM F . 21.42 -14.79 8.19
O2A HEM F . 23.58 -15.26 7.99
C1B HEM F . 17.50 -18.04 12.94
C2B HEM F . 16.37 -18.16 13.84
C3B HEM F . 15.63 -19.21 13.44
C4B HEM F . 16.26 -19.78 12.26
CMB HEM F . 16.15 -17.19 15.03
CAB HEM F . 14.33 -19.80 14.02
CBB HEM F . 13.72 -19.32 15.10
C1C HEM F . 16.35 -21.39 10.39
C2C HEM F . 15.89 -22.54 9.61
C3C HEM F . 16.70 -22.66 8.53
C4C HEM F . 17.68 -21.60 8.59
CMC HEM F . 14.67 -23.42 9.99
CAC HEM F . 16.72 -23.67 7.35
CBC HEM F . 15.98 -24.78 7.26
C1D HEM F . 19.69 -20.49 7.76
C2D HEM F . 20.75 -20.31 6.82
C3D HEM F . 21.55 -19.35 7.29
C4D HEM F . 21.03 -18.88 8.54
CMD HEM F . 20.93 -21.08 5.50
CAD HEM F . 22.83 -18.84 6.58
CBD HEM F . 24.01 -19.64 7.17
CGD HEM F . 25.23 -19.41 6.31
O1D HEM F . 26.22 -18.83 6.84
O2D HEM F . 25.20 -19.79 5.10
NA HEM F . 19.80 -17.76 11.06
NB HEM F . 17.40 -19.04 12.00
NC HEM F . 17.46 -20.86 9.73
ND HEM F . 19.89 -19.61 8.81
FE HEM F . 18.67 -19.39 10.46
#